data_8ZYO
#
_entry.id   8ZYO
#
_cell.length_a   1.00
_cell.length_b   1.00
_cell.length_c   1.00
_cell.angle_alpha   90.00
_cell.angle_beta   90.00
_cell.angle_gamma   90.00
#
_symmetry.space_group_name_H-M   'P 1'
#
loop_
_entity.id
_entity.type
_entity.pdbx_description
1 polymer 'Potassium voltage-gated channel subfamily H member 2'
2 non-polymer 1-[(4-fluorophenyl)methyl]-N-{1-[2-(4-methoxyphenyl)ethyl]piperidin-4-yl}-1H-benzimidazol-2-amine
#
_entity_poly.entity_id   1
_entity_poly.type   'polypeptide(L)'
_entity_poly.pdbx_seq_one_letter_code
;MPVRRGHVAPQNTFLDTIIRKFEGQSRKFIIANARVENCAVIYCNDGFCELCGYSRAEVMQRPCTCDFLHGPRTQRRAAA
QIAQALLGAEERKVEIAFYRKDGSCFLCLVDVVPVKNEDGAVIMFILNFEVVMEKDMVGSSPTSDREIIAPKIKERTHNV
TEKVTQVLSLGADVLPEYKLQAPRIHRWTILHYSPFKAVWDWLILLLVIYTAVFTPYSAAFLLKETEEGPPATECGYACQ
PLAVVDLIVDIMFIVDILINFRTTYVNANEEVVSHPGRIAVHYFKGWFLIDMVAAIPFDLLIFGSGSEELIGLLKTARLL
RLVRVARKLDRYSEYGAAVLFLLMCTFALIAHWLACIWYAIGNMEQPHMDSRIGWLHNLGDQIGKPYNSSGLGGPSIKDK
YVTALYFTFSSLTSVGFGNVSPNTNSEKIFSICVMLIGSLMYASIFGNVSAIIQRLYSGTARYHTQMLRVREFIRFHQIP
NPLRQRLEEYFQHAWSYTNGIDMNAVLKGFPECLQADICLHLNRSLLQHCKPFRGATKGCLRALAMKFKTTHAPPGDTLV
HAGDLLTALYFISRGSIEILRGDVVVAILGKNDIFGEPLNLYARPGKSNGDVRALTYCDLHKIHRDDLLEVLDMYPEFSD
HFWSSLEITFNLRDTNMIPGGRQYQELPRCPAPTPSLLNIPLSSPGRRPRGDVESRLDALQRQLNRLETRLSADMATVLQ
LLQRQMTLVPPAYSAVTTPGPGPTSTSPLLPVSPLPTLTLDSLSQVSQFMACEELPPGAPELPQEGPTRRLSLPGQLGAL
TSQPLHRHGSDPGSLEVLFQ
;
_entity_poly.pdbx_strand_id   A,B,C,D
#
# COMPACT_ATOMS: atom_id res chain seq x y z
N LYS A 197 29.78 -14.72 -30.04
CA LYS A 197 29.44 -13.47 -29.36
C LYS A 197 27.94 -13.23 -29.36
N ALA A 198 27.19 -14.25 -28.94
CA ALA A 198 25.73 -14.18 -28.83
C ALA A 198 25.24 -14.14 -27.39
N VAL A 199 25.84 -14.96 -26.51
CA VAL A 199 25.50 -14.91 -25.09
C VAL A 199 26.15 -13.73 -24.38
N TRP A 200 27.07 -13.03 -25.06
CA TRP A 200 27.70 -11.85 -24.48
C TRP A 200 26.69 -10.78 -24.10
N ASP A 201 25.54 -10.75 -24.79
CA ASP A 201 24.54 -9.72 -24.51
C ASP A 201 23.98 -9.86 -23.10
N TRP A 202 23.68 -11.07 -22.67
CA TRP A 202 23.16 -11.26 -21.32
C TRP A 202 24.23 -11.00 -20.27
N LEU A 203 25.50 -11.28 -20.58
CA LEU A 203 26.58 -10.94 -19.68
C LEU A 203 26.68 -9.42 -19.51
N ILE A 204 26.56 -8.67 -20.61
CA ILE A 204 26.60 -7.23 -20.50
C ILE A 204 25.37 -6.70 -19.78
N LEU A 205 24.22 -7.36 -19.92
CA LEU A 205 23.04 -6.98 -19.14
C LEU A 205 23.28 -7.17 -17.66
N LEU A 206 23.89 -8.30 -17.28
CA LEU A 206 24.20 -8.53 -15.87
C LEU A 206 25.20 -7.52 -15.35
N LEU A 207 26.19 -7.15 -16.16
CA LEU A 207 27.15 -6.13 -15.74
C LEU A 207 26.48 -4.76 -15.61
N VAL A 208 25.53 -4.46 -16.48
CA VAL A 208 24.77 -3.21 -16.37
C VAL A 208 23.97 -3.19 -15.08
N ILE A 209 23.34 -4.31 -14.74
CA ILE A 209 22.61 -4.41 -13.47
C ILE A 209 23.56 -4.20 -12.30
N TYR A 210 24.74 -4.83 -12.36
CA TYR A 210 25.71 -4.69 -11.28
C TYR A 210 26.14 -3.25 -11.10
N THR A 211 26.44 -2.56 -12.19
CA THR A 211 26.91 -1.18 -12.05
C THR A 211 25.79 -0.26 -11.62
N ALA A 212 24.57 -0.48 -12.11
CA ALA A 212 23.43 0.31 -11.66
C ALA A 212 23.09 0.05 -10.19
N VAL A 213 23.49 -1.09 -9.65
CA VAL A 213 23.26 -1.34 -8.23
C VAL A 213 24.37 -0.75 -7.38
N PHE A 214 25.62 -0.86 -7.83
CA PHE A 214 26.77 -0.55 -6.99
C PHE A 214 27.34 0.85 -7.17
N THR A 215 26.96 1.59 -8.23
CA THR A 215 27.48 2.94 -8.36
C THR A 215 26.72 3.92 -7.47
N PRO A 216 25.38 3.98 -7.53
CA PRO A 216 24.68 4.88 -6.60
C PRO A 216 24.95 4.56 -5.14
N TYR A 217 25.06 3.28 -4.80
CA TYR A 217 25.38 2.92 -3.42
C TYR A 217 26.74 3.48 -3.01
N SER A 218 27.75 3.30 -3.86
CA SER A 218 29.08 3.81 -3.54
C SER A 218 29.06 5.31 -3.39
N ALA A 219 28.42 6.01 -4.32
CA ALA A 219 28.38 7.48 -4.28
C ALA A 219 27.66 7.97 -3.04
N ALA A 220 26.52 7.36 -2.68
CA ALA A 220 25.73 7.84 -1.57
C ALA A 220 26.34 7.50 -0.22
N PHE A 221 26.85 6.28 -0.05
CA PHE A 221 27.28 5.80 1.26
C PHE A 221 28.79 5.83 1.47
N LEU A 222 29.58 5.43 0.47
CA LEU A 222 31.01 5.24 0.65
C LEU A 222 31.82 6.50 0.40
N LEU A 223 31.17 7.62 0.09
CA LEU A 223 31.90 8.86 -0.13
C LEU A 223 32.56 9.39 1.14
N LYS A 224 32.07 8.98 2.31
CA LYS A 224 32.60 9.43 3.60
C LYS A 224 32.63 10.96 3.70
N LEU A 242 34.49 -4.09 -4.11
CA LEU A 242 35.89 -3.68 -4.12
C LEU A 242 36.25 -3.08 -5.48
N ALA A 243 37.35 -2.33 -5.51
CA ALA A 243 37.77 -1.67 -6.75
C ALA A 243 38.17 -2.66 -7.84
N VAL A 244 38.57 -3.88 -7.47
CA VAL A 244 38.97 -4.87 -8.46
C VAL A 244 37.79 -5.23 -9.36
N VAL A 245 36.61 -5.44 -8.76
CA VAL A 245 35.43 -5.80 -9.55
C VAL A 245 35.05 -4.66 -10.48
N ASP A 246 35.10 -3.42 -9.99
CA ASP A 246 34.76 -2.28 -10.84
C ASP A 246 35.76 -2.13 -11.98
N LEU A 247 37.05 -2.36 -11.71
CA LEU A 247 38.03 -2.33 -12.79
C LEU A 247 37.78 -3.42 -13.81
N ILE A 248 37.41 -4.61 -13.35
CA ILE A 248 37.12 -5.72 -14.26
C ILE A 248 35.93 -5.38 -15.15
N VAL A 249 34.86 -4.84 -14.57
CA VAL A 249 33.70 -4.52 -15.39
C VAL A 249 33.98 -3.34 -16.31
N ASP A 250 34.84 -2.40 -15.89
CA ASP A 250 35.25 -1.32 -16.79
C ASP A 250 36.01 -1.87 -17.99
N ILE A 251 36.93 -2.80 -17.74
CA ILE A 251 37.68 -3.42 -18.84
C ILE A 251 36.73 -4.20 -19.74
N MET A 252 35.74 -4.88 -19.14
CA MET A 252 34.77 -5.63 -19.94
C MET A 252 33.95 -4.71 -20.82
N PHE A 253 33.54 -3.56 -20.31
CA PHE A 253 32.77 -2.62 -21.12
C PHE A 253 33.64 -1.98 -22.20
N ILE A 254 34.92 -1.75 -21.92
CA ILE A 254 35.84 -1.28 -22.96
C ILE A 254 35.95 -2.34 -24.06
N VAL A 255 36.05 -3.61 -23.68
CA VAL A 255 36.08 -4.69 -24.66
C VAL A 255 34.79 -4.71 -25.47
N ASP A 256 33.66 -4.47 -24.80
CA ASP A 256 32.38 -4.47 -25.50
C ASP A 256 32.30 -3.34 -26.52
N ILE A 257 32.74 -2.14 -26.15
CA ILE A 257 32.67 -1.02 -27.08
C ILE A 257 33.66 -1.22 -28.22
N LEU A 258 34.79 -1.88 -27.96
CA LEU A 258 35.69 -2.24 -29.05
C LEU A 258 35.03 -3.26 -29.98
N ILE A 259 34.30 -4.22 -29.41
CA ILE A 259 33.61 -5.23 -30.22
C ILE A 259 32.53 -4.59 -31.08
N ASN A 260 31.90 -3.52 -30.57
CA ASN A 260 30.81 -2.90 -31.30
C ASN A 260 31.24 -2.36 -32.67
N PHE A 261 32.54 -2.19 -32.89
CA PHE A 261 33.04 -1.82 -34.21
C PHE A 261 32.68 -2.88 -35.25
N GLY A 277 34.67 -3.20 -41.96
CA GLY A 277 34.95 -1.81 -41.61
C GLY A 277 33.82 -0.87 -41.97
N ARG A 278 32.85 -1.37 -42.74
CA ARG A 278 31.70 -0.58 -43.15
C ARG A 278 30.72 -0.33 -42.01
N ILE A 279 30.84 -1.05 -40.90
CA ILE A 279 29.90 -0.89 -39.80
C ILE A 279 30.36 0.14 -38.77
N ALA A 280 31.66 0.46 -38.74
CA ALA A 280 32.15 1.45 -37.78
C ALA A 280 31.54 2.82 -38.02
N VAL A 281 31.43 3.22 -39.29
CA VAL A 281 30.88 4.54 -39.61
C VAL A 281 29.41 4.63 -39.22
N HIS A 282 28.70 3.49 -39.23
CA HIS A 282 27.28 3.48 -38.89
C HIS A 282 27.05 4.06 -37.50
N TYR A 283 27.62 3.43 -36.48
CA TYR A 283 27.41 3.87 -35.10
C TYR A 283 28.49 4.84 -34.63
N PHE A 284 29.43 5.22 -35.50
CA PHE A 284 30.41 6.24 -35.14
C PHE A 284 29.71 7.57 -34.84
N LYS A 285 28.68 7.91 -35.61
CA LYS A 285 27.87 9.09 -35.37
C LYS A 285 26.56 8.76 -34.67
N GLY A 286 26.46 7.57 -34.08
CA GLY A 286 25.24 7.17 -33.40
C GLY A 286 25.38 7.06 -31.90
N TRP A 287 25.52 5.83 -31.41
CA TRP A 287 25.61 5.57 -29.97
C TRP A 287 27.03 5.71 -29.43
N PHE A 288 27.98 6.14 -30.26
CA PHE A 288 29.37 6.19 -29.83
C PHE A 288 29.58 7.20 -28.71
N LEU A 289 28.89 8.34 -28.77
CA LEU A 289 29.13 9.41 -27.81
C LEU A 289 28.82 8.95 -26.38
N ILE A 290 27.64 8.35 -26.18
CA ILE A 290 27.24 7.95 -24.84
C ILE A 290 28.10 6.80 -24.33
N ASP A 291 28.32 5.79 -25.18
CA ASP A 291 29.10 4.63 -24.78
C ASP A 291 30.57 4.97 -24.58
N MET A 292 31.04 6.09 -25.11
CA MET A 292 32.40 6.55 -24.90
C MET A 292 32.53 7.42 -23.66
N VAL A 293 31.55 8.29 -23.42
CA VAL A 293 31.60 9.11 -22.21
C VAL A 293 31.35 8.26 -20.97
N ALA A 294 30.61 7.16 -21.11
CA ALA A 294 30.37 6.28 -19.97
C ALA A 294 31.57 5.39 -19.64
N ALA A 295 32.52 5.25 -20.56
CA ALA A 295 33.67 4.37 -20.36
C ALA A 295 34.96 5.12 -20.07
N ILE A 296 35.01 6.42 -20.30
CA ILE A 296 36.25 7.17 -20.04
C ILE A 296 36.50 7.23 -18.54
N PRO A 297 37.74 7.18 -18.07
CA PRO A 297 38.02 7.28 -16.64
C PRO A 297 38.22 8.73 -16.20
N PHE A 298 38.20 8.91 -14.88
CA PHE A 298 38.42 10.22 -14.28
C PHE A 298 39.47 10.20 -13.18
N ASP A 299 40.21 9.11 -13.04
CA ASP A 299 41.22 9.02 -11.98
C ASP A 299 42.41 9.90 -12.32
N LEU A 300 42.78 10.76 -11.39
CA LEU A 300 43.90 11.68 -11.58
C LEU A 300 44.36 12.26 -10.25
N LEU A 310 34.59 16.49 -7.88
CA LEU A 310 35.02 15.33 -7.09
C LEU A 310 35.09 14.08 -7.96
N ILE A 311 36.17 13.32 -7.80
CA ILE A 311 36.33 12.08 -8.56
C ILE A 311 35.24 11.09 -8.21
N GLY A 312 34.93 10.96 -6.92
CA GLY A 312 33.86 10.06 -6.51
C GLY A 312 32.50 10.47 -7.06
N LEU A 313 32.22 11.78 -7.05
CA LEU A 313 30.98 12.26 -7.63
C LEU A 313 30.98 12.08 -9.15
N LEU A 314 32.12 12.31 -9.80
CA LEU A 314 32.21 12.14 -11.24
C LEU A 314 32.11 10.68 -11.66
N LYS A 315 32.39 9.75 -10.74
CA LYS A 315 32.26 8.33 -11.05
C LYS A 315 30.82 7.93 -11.33
N THR A 316 29.85 8.77 -10.98
CA THR A 316 28.44 8.48 -11.23
C THR A 316 28.11 8.48 -12.72
N ALA A 317 29.03 8.95 -13.58
CA ALA A 317 28.79 8.95 -15.01
C ALA A 317 28.66 7.55 -15.59
N ARG A 318 29.04 6.51 -14.85
CA ARG A 318 28.88 5.14 -15.30
C ARG A 318 27.43 4.75 -15.48
N LEU A 319 26.48 5.52 -14.94
CA LEU A 319 25.06 5.21 -15.07
C LEU A 319 24.56 5.29 -16.49
N LEU A 320 25.34 5.89 -17.41
CA LEU A 320 24.95 5.94 -18.81
C LEU A 320 24.96 4.57 -19.47
N ARG A 321 25.51 3.54 -18.81
CA ARG A 321 25.48 2.19 -19.35
C ARG A 321 24.07 1.63 -19.44
N LEU A 322 23.09 2.26 -18.77
CA LEU A 322 21.71 1.81 -18.87
C LEU A 322 21.15 1.98 -20.28
N VAL A 323 21.73 2.89 -21.08
CA VAL A 323 21.26 3.06 -22.44
C VAL A 323 21.49 1.81 -23.26
N ARG A 324 22.44 0.96 -22.87
CA ARG A 324 22.63 -0.31 -23.55
C ARG A 324 21.38 -1.17 -23.44
N VAL A 325 20.87 -1.35 -22.22
CA VAL A 325 19.64 -2.11 -22.03
C VAL A 325 18.47 -1.39 -22.68
N ALA A 326 18.49 -0.06 -22.64
CA ALA A 326 17.39 0.70 -23.25
C ALA A 326 17.31 0.44 -24.75
N ARG A 327 18.45 0.46 -25.44
CA ARG A 327 18.45 0.30 -26.89
C ARG A 327 18.25 -1.15 -27.30
N LYS A 328 18.81 -2.09 -26.54
CA LYS A 328 18.75 -3.50 -26.90
C LYS A 328 17.61 -4.23 -26.21
N LEU A 329 16.50 -3.53 -25.95
CA LEU A 329 15.35 -4.13 -25.31
C LEU A 329 14.72 -5.24 -26.15
N ASP A 330 14.93 -5.21 -27.47
CA ASP A 330 14.30 -6.19 -28.35
C ASP A 330 14.74 -7.61 -28.02
N ARG A 331 16.02 -7.79 -27.69
CA ARG A 331 16.53 -9.12 -27.38
C ARG A 331 16.18 -9.58 -25.98
N TYR A 332 15.70 -8.69 -25.11
CA TYR A 332 15.40 -9.03 -23.72
C TYR A 332 13.90 -9.15 -23.45
N SER A 333 13.07 -9.21 -24.50
CA SER A 333 11.62 -9.25 -24.34
C SER A 333 11.02 -10.34 -25.23
N GLU A 334 11.61 -11.54 -25.19
CA GLU A 334 11.10 -12.66 -25.97
C GLU A 334 10.27 -13.64 -25.16
N TYR A 335 10.47 -13.71 -23.84
CA TYR A 335 9.81 -14.69 -23.00
C TYR A 335 9.17 -13.99 -21.80
N GLY A 336 8.15 -14.65 -21.24
CA GLY A 336 7.48 -14.10 -20.08
C GLY A 336 8.38 -14.06 -18.86
N ALA A 337 9.24 -15.09 -18.70
CA ALA A 337 10.15 -15.11 -17.57
C ALA A 337 11.12 -13.95 -17.62
N ALA A 338 11.64 -13.63 -18.81
CA ALA A 338 12.53 -12.49 -18.95
C ALA A 338 11.82 -11.18 -18.62
N VAL A 339 10.57 -11.04 -19.05
CA VAL A 339 9.80 -9.84 -18.75
C VAL A 339 9.59 -9.70 -17.26
N LEU A 340 9.22 -10.79 -16.59
CA LEU A 340 9.01 -10.74 -15.14
C LEU A 340 10.30 -10.42 -14.41
N PHE A 341 11.42 -11.00 -14.85
CA PHE A 341 12.70 -10.69 -14.22
C PHE A 341 13.06 -9.23 -14.41
N LEU A 342 12.82 -8.68 -15.60
CA LEU A 342 13.10 -7.27 -15.84
C LEU A 342 12.21 -6.38 -14.97
N LEU A 343 10.94 -6.76 -14.82
CA LEU A 343 10.03 -5.98 -13.97
C LEU A 343 10.50 -5.97 -12.52
N MET A 344 10.85 -7.15 -12.00
CA MET A 344 11.34 -7.22 -10.62
C MET A 344 12.64 -6.45 -10.46
N CYS A 345 13.53 -6.56 -11.44
CA CYS A 345 14.81 -5.87 -11.35
C CYS A 345 14.64 -4.36 -11.38
N THR A 346 13.74 -3.85 -12.23
CA THR A 346 13.55 -2.41 -12.28
C THR A 346 12.83 -1.90 -11.03
N PHE A 347 11.91 -2.68 -10.46
CA PHE A 347 11.30 -2.29 -9.20
C PHE A 347 12.35 -2.21 -8.09
N ALA A 348 13.19 -3.25 -7.98
CA ALA A 348 14.23 -3.24 -6.97
C ALA A 348 15.24 -2.11 -7.20
N LEU A 349 15.57 -1.84 -8.45
CA LEU A 349 16.52 -0.77 -8.75
C LEU A 349 15.95 0.59 -8.38
N ILE A 350 14.67 0.83 -8.68
CA ILE A 350 14.04 2.09 -8.28
C ILE A 350 14.03 2.22 -6.77
N ALA A 351 13.71 1.13 -6.07
CA ALA A 351 13.72 1.18 -4.61
C ALA A 351 15.11 1.48 -4.07
N HIS A 352 16.14 0.85 -4.65
CA HIS A 352 17.50 1.08 -4.20
C HIS A 352 17.94 2.53 -4.45
N TRP A 353 17.60 3.08 -5.62
CA TRP A 353 17.95 4.46 -5.92
C TRP A 353 17.25 5.42 -4.97
N LEU A 354 15.97 5.18 -4.69
CA LEU A 354 15.26 6.04 -3.75
C LEU A 354 15.83 5.91 -2.35
N ALA A 355 16.28 4.71 -1.97
CA ALA A 355 16.95 4.54 -0.68
C ALA A 355 18.24 5.34 -0.63
N CYS A 356 19.01 5.34 -1.73
CA CYS A 356 20.25 6.11 -1.76
C CYS A 356 19.95 7.60 -1.64
N ILE A 357 18.92 8.09 -2.33
CA ILE A 357 18.56 9.50 -2.23
C ILE A 357 18.07 9.84 -0.83
N TRP A 358 17.30 8.94 -0.22
CA TRP A 358 16.82 9.14 1.14
C TRP A 358 17.98 9.25 2.12
N TYR A 359 18.96 8.37 2.00
CA TYR A 359 20.12 8.45 2.87
C TYR A 359 20.94 9.70 2.58
N ALA A 360 21.02 10.12 1.32
CA ALA A 360 21.73 11.35 0.99
C ALA A 360 21.09 12.55 1.67
N ILE A 361 19.76 12.63 1.61
CA ILE A 361 19.04 13.72 2.29
C ILE A 361 19.29 13.67 3.79
N GLY A 362 19.18 12.48 4.37
CA GLY A 362 19.41 12.34 5.80
C GLY A 362 20.82 12.70 6.21
N ASN A 363 21.80 12.46 5.34
CA ASN A 363 23.17 12.80 5.65
C ASN A 363 23.42 14.30 5.54
N MET A 364 22.88 14.94 4.50
CA MET A 364 23.03 16.38 4.39
C MET A 364 22.31 17.11 5.52
N GLU A 365 21.25 16.53 6.06
CA GLU A 365 20.55 17.15 7.18
C GLU A 365 21.13 16.75 8.54
N GLN A 366 22.17 15.93 8.57
CA GLN A 366 22.74 15.50 9.85
C GLN A 366 23.31 16.63 10.68
N PRO A 367 24.17 17.51 10.17
CA PRO A 367 24.79 18.53 11.03
C PRO A 367 23.89 19.70 11.39
N HIS A 368 22.60 19.64 11.07
CA HIS A 368 21.69 20.73 11.39
C HIS A 368 20.58 20.27 12.33
N ARG A 372 17.11 15.49 17.50
CA ARG A 372 16.63 14.20 17.01
C ARG A 372 15.56 14.39 15.93
N ILE A 373 15.62 15.53 15.24
CA ILE A 373 14.65 15.82 14.19
C ILE A 373 14.80 14.85 13.04
N GLY A 374 16.02 14.58 12.60
CA GLY A 374 16.24 13.74 11.43
C GLY A 374 15.90 12.29 11.69
N TRP A 375 15.84 11.53 10.59
CA TRP A 375 15.51 10.12 10.70
C TRP A 375 16.70 9.27 11.14
N LEU A 376 17.92 9.72 10.85
CA LEU A 376 19.10 9.00 11.34
C LEU A 376 19.18 9.04 12.86
N HIS A 377 18.87 10.19 13.45
CA HIS A 377 18.88 10.29 14.91
C HIS A 377 17.84 9.36 15.53
N ASN A 378 16.63 9.34 14.97
CA ASN A 378 15.59 8.46 15.48
C ASN A 378 15.98 7.00 15.33
N LEU A 379 16.57 6.64 14.18
CA LEU A 379 16.99 5.26 13.97
C LEU A 379 18.06 4.85 14.98
N GLY A 380 19.03 5.72 15.21
CA GLY A 380 20.05 5.42 16.20
C GLY A 380 19.48 5.30 17.60
N ASP A 381 18.55 6.17 17.95
CA ASP A 381 17.93 6.09 19.27
C ASP A 381 17.09 4.85 19.44
N GLN A 382 16.50 4.34 18.35
CA GLN A 382 15.57 3.23 18.45
C GLN A 382 16.23 1.86 18.26
N ILE A 383 17.40 1.78 17.65
CA ILE A 383 18.07 0.48 17.53
C ILE A 383 19.07 0.32 18.67
N GLY A 384 19.02 1.22 19.65
CA GLY A 384 19.91 1.14 20.78
C GLY A 384 21.33 1.59 20.52
N LYS A 385 21.55 2.44 19.51
CA LYS A 385 22.88 2.96 19.20
C LYS A 385 22.78 4.48 19.14
N PRO A 386 22.73 5.14 20.28
CA PRO A 386 22.55 6.60 20.29
C PRO A 386 23.72 7.31 19.63
N TYR A 387 23.41 8.45 19.01
CA TYR A 387 24.42 9.26 18.33
C TYR A 387 25.25 10.03 19.34
N GLY A 393 29.64 8.30 16.89
CA GLY A 393 29.19 6.94 16.68
C GLY A 393 27.97 6.86 15.78
N GLY A 394 26.94 6.17 16.25
CA GLY A 394 25.72 6.02 15.50
C GLY A 394 25.59 4.66 14.85
N PRO A 395 24.52 4.46 14.08
CA PRO A 395 24.33 3.17 13.42
C PRO A 395 25.41 2.89 12.39
N SER A 396 25.66 1.60 12.17
CA SER A 396 26.62 1.18 11.16
C SER A 396 26.03 1.39 9.76
N ILE A 397 26.89 1.27 8.76
CA ILE A 397 26.46 1.47 7.38
C ILE A 397 25.42 0.43 6.98
N LYS A 398 25.58 -0.80 7.46
CA LYS A 398 24.59 -1.83 7.18
C LYS A 398 23.22 -1.46 7.71
N ASP A 399 23.17 -0.98 8.96
CA ASP A 399 21.88 -0.61 9.56
C ASP A 399 21.23 0.53 8.79
N LYS A 400 22.02 1.56 8.44
CA LYS A 400 21.47 2.69 7.72
C LYS A 400 20.94 2.28 6.35
N TYR A 401 21.71 1.46 5.62
CA TYR A 401 21.26 1.06 4.29
C TYR A 401 20.00 0.19 4.38
N VAL A 402 19.96 -0.76 5.31
CA VAL A 402 18.79 -1.62 5.42
C VAL A 402 17.57 -0.80 5.82
N THR A 403 17.75 0.15 6.74
CA THR A 403 16.63 0.99 7.14
C THR A 403 16.13 1.84 5.98
N ALA A 404 17.04 2.42 5.19
CA ALA A 404 16.62 3.23 4.06
C ALA A 404 15.88 2.40 3.02
N LEU A 405 16.41 1.22 2.70
CA LEU A 405 15.76 0.36 1.72
C LEU A 405 14.39 -0.10 2.21
N TYR A 406 14.29 -0.42 3.50
CA TYR A 406 13.03 -0.88 4.07
C TYR A 406 11.99 0.23 4.07
N PHE A 407 12.39 1.46 4.44
CA PHE A 407 11.46 2.58 4.37
C PHE A 407 11.00 2.83 2.94
N THR A 408 11.92 2.82 1.99
CA THR A 408 11.54 3.08 0.60
C THR A 408 10.59 2.01 0.09
N PHE A 409 10.87 0.74 0.39
CA PHE A 409 9.98 -0.33 -0.04
C PHE A 409 8.60 -0.21 0.61
N SER A 410 8.57 0.13 1.90
CA SER A 410 7.29 0.28 2.58
C SER A 410 6.47 1.42 1.98
N SER A 411 7.12 2.55 1.67
CA SER A 411 6.37 3.70 1.18
C SER A 411 5.93 3.50 -0.28
N LEU A 412 6.79 2.92 -1.12
CA LEU A 412 6.39 2.64 -2.50
C LEU A 412 5.22 1.68 -2.54
N THR A 413 5.29 0.61 -1.75
CA THR A 413 4.21 -0.37 -1.66
C THR A 413 2.98 0.21 -0.97
N SER A 414 3.15 1.32 -0.24
CA SER A 414 2.08 1.98 0.49
C SER A 414 1.63 1.14 1.68
N VAL A 415 2.58 0.60 2.42
CA VAL A 415 2.29 0.00 3.72
C VAL A 415 2.39 1.03 4.83
N GLY A 416 3.51 1.75 4.88
CA GLY A 416 3.69 2.78 5.92
C GLY A 416 3.82 2.18 7.29
N PHE A 417 4.96 1.61 7.61
CA PHE A 417 5.11 0.86 8.89
C PHE A 417 5.07 1.69 10.14
N GLY A 418 5.54 2.93 10.11
CA GLY A 418 5.38 3.76 11.31
C GLY A 418 6.58 3.71 12.22
N ASN A 419 7.63 2.98 11.84
CA ASN A 419 8.89 3.01 12.63
C ASN A 419 9.59 4.31 12.25
N VAL A 420 10.14 4.39 11.04
CA VAL A 420 10.76 5.60 10.50
C VAL A 420 9.69 6.38 9.74
N SER A 421 9.57 7.66 10.08
CA SER A 421 8.60 8.55 9.48
C SER A 421 9.26 9.91 9.25
N PRO A 422 8.88 10.60 8.18
CA PRO A 422 9.47 11.90 7.90
C PRO A 422 9.18 12.91 8.99
N ASN A 423 10.18 13.74 9.29
CA ASN A 423 10.01 14.78 10.30
C ASN A 423 10.67 16.09 9.89
N THR A 424 11.04 16.24 8.63
CA THR A 424 11.65 17.45 8.11
C THR A 424 11.03 17.76 6.76
N ASN A 425 11.04 19.04 6.39
CA ASN A 425 10.35 19.47 5.17
C ASN A 425 10.90 18.74 3.94
N SER A 426 12.22 18.62 3.83
CA SER A 426 12.80 17.91 2.71
C SER A 426 12.37 16.45 2.70
N GLU A 427 12.35 15.82 3.87
CA GLU A 427 11.92 14.43 3.96
C GLU A 427 10.45 14.29 3.57
N LYS A 428 9.61 15.25 3.96
CA LYS A 428 8.20 15.19 3.60
C LYS A 428 8.00 15.35 2.08
N ILE A 429 8.73 16.27 1.46
CA ILE A 429 8.62 16.44 0.01
C ILE A 429 9.11 15.18 -0.71
N PHE A 430 10.22 14.60 -0.24
CA PHE A 430 10.71 13.37 -0.85
C PHE A 430 9.68 12.25 -0.68
N SER A 431 9.03 12.18 0.48
CA SER A 431 8.01 11.17 0.70
C SER A 431 6.83 11.35 -0.23
N ILE A 432 6.41 12.60 -0.46
CA ILE A 432 5.32 12.86 -1.39
C ILE A 432 5.70 12.38 -2.79
N CYS A 433 6.93 12.70 -3.22
CA CYS A 433 7.39 12.26 -4.52
C CYS A 433 7.43 10.74 -4.61
N VAL A 434 7.89 10.07 -3.54
CA VAL A 434 8.00 8.63 -3.57
C VAL A 434 6.62 7.99 -3.59
N MET A 435 5.66 8.57 -2.87
CA MET A 435 4.28 8.08 -2.93
C MET A 435 3.73 8.18 -4.33
N LEU A 436 3.96 9.32 -5.00
CA LEU A 436 3.49 9.47 -6.38
C LEU A 436 4.15 8.43 -7.28
N ILE A 437 5.46 8.24 -7.14
CA ILE A 437 6.18 7.29 -7.98
C ILE A 437 5.65 5.88 -7.77
N GLY A 438 5.43 5.50 -6.51
CA GLY A 438 4.94 4.16 -6.23
C GLY A 438 3.54 3.93 -6.74
N SER A 439 2.65 4.92 -6.57
CA SER A 439 1.30 4.79 -7.08
C SER A 439 1.29 4.65 -8.59
N LEU A 440 2.10 5.46 -9.28
CA LEU A 440 2.20 5.35 -10.74
C LEU A 440 2.76 3.99 -11.14
N MET A 441 3.82 3.54 -10.46
CA MET A 441 4.42 2.25 -10.76
C MET A 441 3.39 1.13 -10.62
N TYR A 442 2.66 1.11 -9.51
CA TYR A 442 1.62 0.12 -9.31
C TYR A 442 0.60 0.17 -10.43
N ALA A 443 -0.13 1.29 -10.53
CA ALA A 443 -1.25 1.38 -11.45
C ALA A 443 -0.82 1.21 -12.90
N SER A 444 0.46 1.39 -13.21
CA SER A 444 0.94 1.22 -14.57
C SER A 444 1.29 -0.23 -14.87
N ILE A 445 2.13 -0.85 -14.04
CA ILE A 445 2.71 -2.16 -14.35
C ILE A 445 2.10 -3.27 -13.51
N PHE A 446 2.01 -3.07 -12.19
CA PHE A 446 1.64 -4.18 -11.33
C PHE A 446 0.15 -4.49 -11.35
N GLY A 447 -0.66 -3.63 -11.95
CA GLY A 447 -2.00 -4.03 -12.32
C GLY A 447 -1.97 -5.05 -13.44
N ASN A 448 -3.08 -5.78 -13.57
CA ASN A 448 -3.23 -6.88 -14.51
C ASN A 448 -1.98 -7.75 -14.61
N VAL A 449 -1.35 -8.03 -13.46
CA VAL A 449 -0.18 -8.89 -13.47
C VAL A 449 -0.56 -10.31 -13.84
N SER A 450 -1.82 -10.71 -13.62
CA SER A 450 -2.27 -12.01 -14.08
C SER A 450 -2.22 -12.10 -15.61
N ALA A 451 -2.70 -11.05 -16.28
CA ALA A 451 -2.60 -11.01 -17.74
C ALA A 451 -1.15 -10.92 -18.19
N ILE A 452 -0.33 -10.16 -17.45
CA ILE A 452 1.08 -10.05 -17.79
C ILE A 452 1.76 -11.42 -17.74
N ILE A 453 1.46 -12.20 -16.69
CA ILE A 453 2.00 -13.55 -16.58
C ILE A 453 1.44 -14.45 -17.67
N GLN A 454 0.17 -14.24 -18.04
CA GLN A 454 -0.47 -15.07 -19.06
C GLN A 454 0.26 -15.02 -20.40
N ARG A 455 1.03 -13.97 -20.65
CA ARG A 455 1.80 -13.87 -21.89
C ARG A 455 2.90 -14.92 -21.92
N LYS B 197 -4.56 29.66 -32.21
CA LYS B 197 -5.45 29.74 -31.06
C LYS B 197 -5.12 28.64 -30.05
N ALA B 198 -4.42 27.61 -30.51
CA ALA B 198 -4.04 26.51 -29.63
C ALA B 198 -3.12 26.99 -28.52
N VAL B 199 -2.16 27.86 -28.86
CA VAL B 199 -1.27 28.42 -27.85
C VAL B 199 -2.07 29.20 -26.81
N TRP B 200 -3.08 29.94 -27.26
CA TRP B 200 -3.94 30.66 -26.34
C TRP B 200 -4.67 29.71 -25.40
N ASP B 201 -5.15 28.58 -25.93
CA ASP B 201 -5.88 27.64 -25.08
C ASP B 201 -4.96 26.97 -24.07
N TRP B 202 -3.74 26.62 -24.48
CA TRP B 202 -2.79 26.04 -23.53
C TRP B 202 -2.42 27.06 -22.44
N LEU B 203 -2.22 28.31 -22.83
CA LEU B 203 -1.91 29.34 -21.84
C LEU B 203 -3.10 29.56 -20.89
N ILE B 204 -4.32 29.50 -21.41
CA ILE B 204 -5.51 29.62 -20.57
C ILE B 204 -5.58 28.46 -19.59
N LEU B 205 -5.27 27.25 -20.05
CA LEU B 205 -5.26 26.10 -19.15
C LEU B 205 -4.20 26.27 -18.06
N LEU B 206 -3.02 26.76 -18.43
CA LEU B 206 -1.98 26.98 -17.43
C LEU B 206 -2.40 28.02 -16.41
N LEU B 207 -3.05 29.11 -16.86
CA LEU B 207 -3.50 30.13 -15.91
C LEU B 207 -4.63 29.61 -15.03
N VAL B 208 -5.51 28.77 -15.57
CA VAL B 208 -6.55 28.15 -14.75
C VAL B 208 -5.91 27.27 -13.68
N ILE B 209 -4.89 26.50 -14.05
CA ILE B 209 -4.18 25.70 -13.06
C ILE B 209 -3.56 26.60 -12.00
N TYR B 210 -2.97 27.72 -12.41
CA TYR B 210 -2.34 28.64 -11.46
C TYR B 210 -3.37 29.19 -10.48
N THR B 211 -4.52 29.63 -10.98
CA THR B 211 -5.50 30.25 -10.08
C THR B 211 -6.14 29.21 -9.18
N ALA B 212 -6.37 27.99 -9.69
CA ALA B 212 -6.88 26.92 -8.84
C ALA B 212 -5.87 26.54 -7.77
N VAL B 213 -4.58 26.65 -8.06
CA VAL B 213 -3.56 26.38 -7.06
C VAL B 213 -3.54 27.48 -5.99
N PHE B 214 -3.58 28.74 -6.42
CA PHE B 214 -3.26 29.85 -5.54
C PHE B 214 -4.45 30.52 -4.88
N THR B 215 -5.68 30.21 -5.29
CA THR B 215 -6.81 30.84 -4.59
C THR B 215 -7.11 30.15 -3.25
N PRO B 216 -7.34 28.82 -3.23
CA PRO B 216 -7.59 28.18 -1.93
C PRO B 216 -6.43 28.30 -0.96
N TYR B 217 -5.19 28.24 -1.45
CA TYR B 217 -4.04 28.40 -0.57
C TYR B 217 -4.04 29.76 0.08
N SER B 218 -4.27 30.82 -0.70
CA SER B 218 -4.32 32.16 -0.14
C SER B 218 -5.44 32.27 0.88
N ALA B 219 -6.63 31.78 0.53
CA ALA B 219 -7.78 31.90 1.42
C ALA B 219 -7.56 31.16 2.74
N ALA B 220 -6.90 30.00 2.69
CA ALA B 220 -6.73 29.19 3.88
C ALA B 220 -5.57 29.69 4.74
N PHE B 221 -4.39 29.85 4.15
CA PHE B 221 -3.20 30.19 4.91
C PHE B 221 -2.97 31.70 4.98
N LEU B 222 -2.95 32.38 3.83
CA LEU B 222 -2.50 33.77 3.81
C LEU B 222 -3.51 34.72 4.40
N LEU B 223 -4.76 34.31 4.55
CA LEU B 223 -5.79 35.18 5.10
C LEU B 223 -5.66 35.20 6.62
N LYS B 224 -5.16 36.32 7.15
CA LYS B 224 -4.99 36.52 8.59
C LYS B 224 -4.15 35.41 9.21
N LEU B 242 1.40 36.97 -5.07
CA LEU B 242 1.58 38.41 -5.20
C LEU B 242 0.38 39.05 -5.89
N ALA B 243 0.05 40.27 -5.49
CA ALA B 243 -1.10 40.96 -6.08
C ALA B 243 -0.84 41.34 -7.54
N VAL B 244 0.43 41.59 -7.89
CA VAL B 244 0.75 41.99 -9.26
C VAL B 244 0.40 40.87 -10.23
N VAL B 245 0.78 39.63 -9.90
CA VAL B 245 0.47 38.51 -10.77
C VAL B 245 -1.04 38.28 -10.84
N ASP B 246 -1.72 38.48 -9.71
CA ASP B 246 -3.18 38.34 -9.69
C ASP B 246 -3.83 39.33 -10.65
N LEU B 247 -3.41 40.59 -10.61
CA LEU B 247 -3.95 41.60 -11.50
C LEU B 247 -3.61 41.28 -12.96
N ILE B 248 -2.39 40.81 -13.21
CA ILE B 248 -1.99 40.46 -14.58
C ILE B 248 -2.88 39.36 -15.11
N VAL B 249 -3.12 38.32 -14.30
CA VAL B 249 -3.94 37.20 -14.75
C VAL B 249 -5.39 37.64 -14.93
N ASP B 250 -5.88 38.52 -14.07
CA ASP B 250 -7.25 39.02 -14.23
C ASP B 250 -7.40 39.80 -15.53
N ILE B 251 -6.44 40.68 -15.82
CA ILE B 251 -6.49 41.46 -17.06
C ILE B 251 -6.38 40.53 -18.27
N MET B 252 -5.54 39.49 -18.16
CA MET B 252 -5.39 38.54 -19.26
C MET B 252 -6.69 37.78 -19.49
N PHE B 253 -7.38 37.40 -18.42
CA PHE B 253 -8.67 36.71 -18.59
C PHE B 253 -9.72 37.65 -19.18
N ILE B 254 -9.68 38.93 -18.81
CA ILE B 254 -10.60 39.90 -19.41
C ILE B 254 -10.34 40.01 -20.91
N VAL B 255 -9.08 40.12 -21.30
CA VAL B 255 -8.79 40.20 -22.74
C VAL B 255 -9.13 38.88 -23.42
N ASP B 256 -9.04 37.77 -22.70
CA ASP B 256 -9.40 36.47 -23.28
C ASP B 256 -10.90 36.40 -23.57
N ILE B 257 -11.73 36.83 -22.61
CA ILE B 257 -13.17 36.81 -22.87
C ILE B 257 -13.52 37.84 -23.93
N LEU B 258 -12.79 38.96 -23.99
CA LEU B 258 -13.03 39.93 -25.06
C LEU B 258 -12.73 39.33 -26.44
N ILE B 259 -11.63 38.59 -26.56
CA ILE B 259 -11.25 38.00 -27.85
C ILE B 259 -12.03 36.73 -28.15
N ASN B 260 -12.73 36.18 -27.16
CA ASN B 260 -13.52 34.97 -27.39
C ASN B 260 -14.60 35.21 -28.44
N PHE B 261 -15.11 36.43 -28.54
CA PHE B 261 -16.12 36.77 -29.53
C PHE B 261 -15.58 36.59 -30.95
N PHE B 288 -21.08 33.11 -21.69
CA PHE B 288 -20.78 34.51 -21.41
C PHE B 288 -21.11 34.85 -19.97
N LEU B 289 -22.26 34.37 -19.50
CA LEU B 289 -22.67 34.63 -18.12
C LEU B 289 -21.71 33.98 -17.12
N ILE B 290 -21.32 32.73 -17.38
CA ILE B 290 -20.45 32.02 -16.43
C ILE B 290 -19.08 32.66 -16.37
N ASP B 291 -18.65 33.33 -17.45
CA ASP B 291 -17.36 34.00 -17.43
C ASP B 291 -17.42 35.31 -16.66
N MET B 292 -18.54 36.04 -16.77
CA MET B 292 -18.66 37.33 -16.12
C MET B 292 -18.69 37.20 -14.59
N VAL B 293 -19.41 36.19 -14.08
CA VAL B 293 -19.58 36.05 -12.64
C VAL B 293 -18.24 35.73 -11.98
N ALA B 294 -17.41 34.92 -12.63
CA ALA B 294 -16.13 34.52 -12.06
C ALA B 294 -15.05 35.59 -12.22
N ALA B 295 -15.31 36.65 -12.98
CA ALA B 295 -14.31 37.68 -13.26
C ALA B 295 -14.71 39.04 -12.70
N ILE B 296 -15.63 39.08 -11.76
CA ILE B 296 -16.04 40.37 -11.19
C ILE B 296 -14.92 40.91 -10.31
N PRO B 297 -14.45 42.14 -10.54
CA PRO B 297 -13.40 42.70 -9.67
C PRO B 297 -13.94 43.04 -8.29
N PHE B 298 -13.46 42.32 -7.27
CA PHE B 298 -13.90 42.54 -5.90
C PHE B 298 -13.12 43.72 -5.31
N ASP B 299 -13.78 44.86 -5.17
CA ASP B 299 -13.17 46.04 -4.57
C ASP B 299 -14.13 46.68 -3.58
N LEU B 300 -13.57 47.16 -2.46
CA LEU B 300 -14.34 47.83 -1.41
C LEU B 300 -15.53 47.00 -0.94
N LEU B 310 -15.74 39.31 3.76
CA LEU B 310 -14.32 39.61 3.53
C LEU B 310 -13.95 39.43 2.07
N ILE B 311 -13.19 40.38 1.53
CA ILE B 311 -12.84 40.35 0.11
C ILE B 311 -12.00 39.12 -0.20
N GLY B 312 -11.01 38.84 0.65
CA GLY B 312 -10.17 37.67 0.43
C GLY B 312 -10.96 36.38 0.55
N LEU B 313 -11.86 36.29 1.52
CA LEU B 313 -12.72 35.12 1.64
C LEU B 313 -13.66 35.00 0.44
N LEU B 314 -14.23 36.12 0.00
CA LEU B 314 -15.16 36.12 -1.12
C LEU B 314 -14.48 35.90 -2.46
N LYS B 315 -13.14 36.00 -2.51
CA LYS B 315 -12.40 35.80 -3.75
C LYS B 315 -12.51 34.38 -4.29
N THR B 316 -12.99 33.43 -3.50
CA THR B 316 -13.05 32.04 -3.94
C THR B 316 -13.98 31.86 -5.13
N ALA B 317 -14.83 32.85 -5.43
CA ALA B 317 -15.66 32.79 -6.63
C ALA B 317 -14.82 32.74 -7.89
N ARG B 318 -13.55 33.15 -7.82
CA ARG B 318 -12.64 33.03 -8.96
C ARG B 318 -12.33 31.58 -9.31
N LEU B 319 -12.66 30.64 -8.43
CA LEU B 319 -12.46 29.21 -8.69
C LEU B 319 -13.44 28.65 -9.70
N LEU B 320 -14.26 29.48 -10.34
CA LEU B 320 -15.20 29.04 -11.35
C LEU B 320 -14.61 29.10 -12.75
N ARG B 321 -13.29 28.97 -12.87
CA ARG B 321 -12.62 29.05 -14.17
C ARG B 321 -12.28 27.68 -14.74
N LEU B 322 -12.43 26.61 -13.96
CA LEU B 322 -12.14 25.27 -14.47
C LEU B 322 -13.22 24.77 -15.41
N VAL B 323 -14.46 25.28 -15.27
CA VAL B 323 -15.51 24.92 -16.21
C VAL B 323 -15.16 25.36 -17.61
N ARG B 324 -14.49 26.53 -17.72
CA ARG B 324 -14.02 26.99 -19.03
C ARG B 324 -13.05 25.99 -19.65
N VAL B 325 -12.17 25.41 -18.83
CA VAL B 325 -11.30 24.35 -19.31
C VAL B 325 -12.14 23.13 -19.72
N ALA B 326 -13.22 22.86 -18.98
CA ALA B 326 -14.04 21.70 -19.27
C ALA B 326 -14.68 21.79 -20.65
N ARG B 327 -15.10 22.99 -21.07
CA ARG B 327 -15.74 23.13 -22.38
C ARG B 327 -14.78 22.74 -23.50
N LYS B 328 -13.56 23.24 -23.46
CA LYS B 328 -12.57 22.95 -24.50
C LYS B 328 -11.78 21.68 -24.18
N LEU B 329 -12.50 20.60 -23.88
CA LEU B 329 -11.85 19.34 -23.58
C LEU B 329 -11.51 18.52 -24.82
N ASP B 330 -11.97 18.94 -25.99
CA ASP B 330 -11.69 18.19 -27.21
C ASP B 330 -10.20 18.21 -27.52
N ARG B 331 -9.55 19.37 -27.41
CA ARG B 331 -8.13 19.46 -27.69
C ARG B 331 -7.28 18.87 -26.57
N TYR B 332 -7.79 18.88 -25.33
CA TYR B 332 -7.03 18.30 -24.23
C TYR B 332 -7.09 16.77 -24.25
N SER B 333 -8.24 16.20 -24.60
CA SER B 333 -8.38 14.75 -24.74
C SER B 333 -7.88 14.36 -26.12
N GLU B 334 -6.59 14.10 -26.23
CA GLU B 334 -5.96 13.85 -27.51
C GLU B 334 -4.77 12.92 -27.28
N TYR B 335 -4.35 12.25 -28.36
CA TYR B 335 -3.35 11.20 -28.26
C TYR B 335 -2.03 11.73 -27.69
N GLY B 336 -1.53 11.06 -26.66
CA GLY B 336 -0.27 11.41 -26.05
C GLY B 336 -0.38 11.37 -24.54
N ALA B 337 0.67 11.84 -23.88
CA ALA B 337 0.74 11.86 -22.42
C ALA B 337 0.02 13.05 -21.81
N ALA B 338 -0.66 13.87 -22.62
CA ALA B 338 -1.37 15.02 -22.07
C ALA B 338 -2.48 14.59 -21.13
N VAL B 339 -3.18 13.51 -21.46
CA VAL B 339 -4.27 13.03 -20.60
C VAL B 339 -3.72 12.57 -19.25
N LEU B 340 -2.62 11.81 -19.27
CA LEU B 340 -2.02 11.35 -18.02
C LEU B 340 -1.49 12.52 -17.19
N PHE B 341 -0.88 13.51 -17.87
CA PHE B 341 -0.41 14.69 -17.17
C PHE B 341 -1.56 15.45 -16.51
N LEU B 342 -2.67 15.60 -17.23
CA LEU B 342 -3.83 16.27 -16.67
C LEU B 342 -4.40 15.50 -15.49
N LEU B 343 -4.43 14.17 -15.59
CA LEU B 343 -4.95 13.36 -14.48
C LEU B 343 -4.07 13.49 -13.25
N MET B 344 -2.76 13.47 -13.42
CA MET B 344 -1.86 13.71 -12.29
C MET B 344 -2.05 15.10 -11.71
N CYS B 345 -2.24 16.10 -12.58
CA CYS B 345 -2.45 17.46 -12.10
C CYS B 345 -3.74 17.58 -11.30
N THR B 346 -4.82 16.95 -11.75
CA THR B 346 -6.06 17.07 -10.99
C THR B 346 -6.01 16.27 -9.70
N PHE B 347 -5.29 15.14 -9.69
CA PHE B 347 -5.10 14.43 -8.43
C PHE B 347 -4.33 15.30 -7.43
N ALA B 348 -3.25 15.96 -7.90
CA ALA B 348 -2.50 16.86 -7.03
C ALA B 348 -3.34 18.05 -6.61
N LEU B 349 -4.22 18.55 -7.48
CA LEU B 349 -5.08 19.66 -7.13
C LEU B 349 -6.10 19.27 -6.06
N ILE B 350 -6.66 18.07 -6.17
CA ILE B 350 -7.56 17.57 -5.14
C ILE B 350 -6.82 17.42 -3.82
N ALA B 351 -5.58 16.92 -3.87
CA ALA B 351 -4.77 16.82 -2.66
C ALA B 351 -4.51 18.20 -2.05
N HIS B 352 -4.23 19.19 -2.90
CA HIS B 352 -3.99 20.55 -2.40
C HIS B 352 -5.24 21.15 -1.76
N TRP B 353 -6.39 20.94 -2.40
CA TRP B 353 -7.64 21.45 -1.83
C TRP B 353 -7.95 20.79 -0.50
N LEU B 354 -7.75 19.46 -0.42
CA LEU B 354 -7.98 18.77 0.84
C LEU B 354 -6.98 19.20 1.90
N ALA B 355 -5.74 19.53 1.51
CA ALA B 355 -4.78 20.06 2.46
C ALA B 355 -5.23 21.42 2.99
N CYS B 356 -5.76 22.27 2.11
CA CYS B 356 -6.29 23.55 2.56
C CYS B 356 -7.45 23.37 3.52
N ILE B 357 -8.36 22.43 3.22
CA ILE B 357 -9.48 22.17 4.11
C ILE B 357 -8.99 21.62 5.45
N TRP B 358 -7.99 20.74 5.41
CA TRP B 358 -7.42 20.18 6.63
C TRP B 358 -6.79 21.25 7.50
N TYR B 359 -6.07 22.18 6.89
CA TYR B 359 -5.50 23.27 7.67
C TYR B 359 -6.58 24.21 8.20
N ALA B 360 -7.64 24.42 7.41
CA ALA B 360 -8.75 25.24 7.90
C ALA B 360 -9.41 24.61 9.11
N ILE B 361 -9.59 23.29 9.08
CA ILE B 361 -10.15 22.58 10.23
C ILE B 361 -9.21 22.68 11.42
N GLY B 362 -7.91 22.47 11.21
CA GLY B 362 -6.96 22.49 12.31
C GLY B 362 -6.82 23.86 12.94
N ASN B 363 -6.89 24.92 12.13
CA ASN B 363 -6.72 26.26 12.65
C ASN B 363 -7.97 26.76 13.37
N MET B 364 -9.14 26.26 13.01
CA MET B 364 -10.38 26.71 13.65
C MET B 364 -10.48 26.22 15.08
N GLU B 365 -9.71 25.20 15.48
CA GLU B 365 -9.71 24.70 16.84
C GLU B 365 -8.40 24.95 17.56
N GLN B 366 -7.44 25.65 16.93
CA GLN B 366 -6.15 25.89 17.58
C GLN B 366 -6.28 26.71 18.85
N PRO B 367 -7.01 27.83 18.90
CA PRO B 367 -7.14 28.55 20.19
C PRO B 367 -7.76 27.72 21.29
N HIS B 368 -8.70 26.84 20.96
CA HIS B 368 -9.37 26.01 21.96
C HIS B 368 -8.46 24.88 22.44
N ARG B 372 -2.60 20.39 23.14
CA ARG B 372 -2.06 19.04 23.04
C ARG B 372 -2.94 18.17 22.15
N ILE B 373 -4.21 18.53 22.03
CA ILE B 373 -5.18 17.82 21.21
C ILE B 373 -5.34 18.58 19.90
N GLY B 374 -5.14 17.88 18.78
CA GLY B 374 -5.17 18.52 17.48
C GLY B 374 -3.85 18.30 16.75
N TRP B 375 -3.90 18.29 15.42
CA TRP B 375 -2.69 17.98 14.65
C TRP B 375 -1.68 19.12 14.67
N LEU B 376 -2.14 20.36 14.89
CA LEU B 376 -1.21 21.48 14.90
C LEU B 376 -0.29 21.44 16.12
N HIS B 377 -0.84 21.13 17.30
CA HIS B 377 -0.01 21.03 18.49
C HIS B 377 1.00 19.88 18.37
N ASN B 378 0.56 18.74 17.85
CA ASN B 378 1.47 17.62 17.66
C ASN B 378 2.57 17.98 16.66
N LEU B 379 2.20 18.65 15.56
CA LEU B 379 3.20 19.09 14.60
C LEU B 379 4.21 20.03 15.22
N GLY B 380 3.74 20.97 16.04
CA GLY B 380 4.66 21.87 16.72
C GLY B 380 5.59 21.12 17.66
N ASP B 381 5.07 20.10 18.35
CA ASP B 381 5.90 19.35 19.28
C ASP B 381 6.95 18.52 18.55
N GLN B 382 6.59 17.91 17.42
CA GLN B 382 7.51 17.01 16.72
C GLN B 382 8.72 17.76 16.17
N ILE B 383 8.49 18.88 15.49
CA ILE B 383 9.54 19.58 14.78
C ILE B 383 10.32 20.50 15.72
N GLY B 384 9.99 20.45 17.01
CA GLY B 384 10.72 21.24 17.98
C GLY B 384 10.34 22.70 18.01
N LYS B 385 9.10 23.03 17.66
CA LYS B 385 8.60 24.41 17.71
C LYS B 385 7.30 24.41 18.50
N PRO B 386 7.38 24.35 19.83
CA PRO B 386 6.16 24.30 20.65
C PRO B 386 5.31 25.55 20.44
N TYR B 387 4.00 25.36 20.45
CA TYR B 387 3.06 26.45 20.24
C TYR B 387 3.04 27.39 21.44
N GLY B 393 2.53 31.41 18.52
CA GLY B 393 3.04 31.08 17.21
C GLY B 393 4.08 29.98 17.24
N GLY B 394 3.81 28.90 16.48
CA GLY B 394 4.72 27.78 16.43
C GLY B 394 5.32 27.58 15.06
N PRO B 395 4.88 26.54 14.36
CA PRO B 395 5.42 26.27 13.02
C PRO B 395 5.12 27.41 12.05
N SER B 396 6.06 27.61 11.12
CA SER B 396 5.87 28.61 10.09
C SER B 396 4.85 28.13 9.05
N ILE B 397 4.45 29.04 8.17
CA ILE B 397 3.44 28.71 7.17
C ILE B 397 3.95 27.61 6.25
N LYS B 398 5.25 27.64 5.92
CA LYS B 398 5.82 26.60 5.07
C LYS B 398 5.70 25.23 5.73
N ASP B 399 6.06 25.13 7.01
CA ASP B 399 5.98 23.86 7.71
C ASP B 399 4.55 23.36 7.80
N LYS B 400 3.61 24.25 8.12
CA LYS B 400 2.21 23.84 8.22
C LYS B 400 1.67 23.36 6.89
N TYR B 401 1.97 24.09 5.81
CA TYR B 401 1.47 23.68 4.49
C TYR B 401 2.09 22.36 4.06
N VAL B 402 3.40 22.19 4.25
CA VAL B 402 4.04 20.95 3.84
C VAL B 402 3.51 19.77 4.64
N THR B 403 3.30 19.96 5.95
CA THR B 403 2.75 18.89 6.77
C THR B 403 1.34 18.53 6.34
N ALA B 404 0.50 19.53 6.08
CA ALA B 404 -0.87 19.26 5.65
C ALA B 404 -0.88 18.54 4.31
N LEU B 405 -0.07 18.99 3.36
CA LEU B 405 -0.02 18.34 2.06
C LEU B 405 0.49 16.91 2.16
N TYR B 406 1.51 16.70 2.99
CA TYR B 406 2.07 15.36 3.17
C TYR B 406 1.06 14.42 3.81
N PHE B 407 0.33 14.89 4.83
CA PHE B 407 -0.70 14.06 5.44
C PHE B 407 -1.82 13.75 4.45
N THR B 408 -2.25 14.74 3.68
CA THR B 408 -3.32 14.51 2.72
C THR B 408 -2.89 13.53 1.63
N PHE B 409 -1.65 13.67 1.14
CA PHE B 409 -1.14 12.74 0.14
C PHE B 409 -1.04 11.33 0.70
N SER B 410 -0.58 11.20 1.95
CA SER B 410 -0.48 9.87 2.55
C SER B 410 -1.87 9.25 2.73
N SER B 411 -2.86 10.06 3.12
CA SER B 411 -4.21 9.53 3.27
C SER B 411 -4.81 9.11 1.93
N LEU B 412 -4.59 9.92 0.89
CA LEU B 412 -5.15 9.59 -0.43
C LEU B 412 -4.48 8.37 -1.03
N THR B 413 -3.16 8.25 -0.85
CA THR B 413 -2.43 7.09 -1.34
C THR B 413 -2.52 5.90 -0.38
N SER B 414 -3.12 6.10 0.79
CA SER B 414 -3.33 5.04 1.77
C SER B 414 -2.02 4.50 2.33
N VAL B 415 -0.98 5.32 2.33
CA VAL B 415 0.25 4.92 3.00
C VAL B 415 0.06 4.92 4.51
N GLY B 416 -0.57 5.98 5.04
CA GLY B 416 -0.79 6.08 6.47
C GLY B 416 0.50 6.06 7.26
N PHE B 417 1.31 7.10 7.10
CA PHE B 417 2.64 7.10 7.71
C PHE B 417 2.58 7.05 9.22
N GLY B 418 1.49 7.53 9.81
CA GLY B 418 1.36 7.52 11.26
C GLY B 418 2.04 8.67 11.97
N ASN B 419 2.74 9.53 11.24
CA ASN B 419 3.31 10.72 11.86
C ASN B 419 2.22 11.72 12.22
N VAL B 420 1.29 11.96 11.30
CA VAL B 420 0.17 12.87 11.51
C VAL B 420 -1.11 12.04 11.43
N SER B 421 -1.86 12.02 12.53
CA SER B 421 -3.08 11.23 12.61
C SER B 421 -4.19 12.06 13.24
N PRO B 422 -5.42 11.94 12.74
CA PRO B 422 -6.54 12.67 13.34
C PRO B 422 -6.74 12.30 14.80
N ASN B 423 -7.04 13.31 15.62
CA ASN B 423 -7.19 13.10 17.06
C ASN B 423 -8.37 13.85 17.64
N THR B 424 -9.29 14.34 16.81
CA THR B 424 -10.48 15.02 17.28
C THR B 424 -11.65 14.61 16.40
N ASN B 425 -12.87 14.82 16.90
CA ASN B 425 -14.05 14.38 16.17
C ASN B 425 -14.14 15.05 14.81
N SER B 426 -13.83 16.35 14.74
CA SER B 426 -13.85 17.04 13.46
C SER B 426 -12.81 16.44 12.51
N GLU B 427 -11.59 16.22 13.00
CA GLU B 427 -10.54 15.64 12.17
C GLU B 427 -10.87 14.20 11.79
N LYS B 428 -11.48 13.45 12.71
CA LYS B 428 -11.85 12.08 12.40
C LYS B 428 -12.92 12.01 11.32
N ILE B 429 -13.96 12.85 11.42
CA ILE B 429 -14.99 12.88 10.38
C ILE B 429 -14.40 13.35 9.06
N PHE B 430 -13.50 14.33 9.11
CA PHE B 430 -12.85 14.78 7.88
C PHE B 430 -12.05 13.65 7.25
N SER B 431 -11.33 12.87 8.06
CA SER B 431 -10.56 11.75 7.52
C SER B 431 -11.47 10.67 6.95
N ILE B 432 -12.64 10.45 7.56
CA ILE B 432 -13.60 9.50 6.98
C ILE B 432 -14.06 9.98 5.62
N CYS B 433 -14.39 11.27 5.51
CA CYS B 433 -14.82 11.82 4.23
C CYS B 433 -13.71 11.74 3.20
N VAL B 434 -12.48 12.03 3.60
CA VAL B 434 -11.35 11.90 2.70
C VAL B 434 -11.14 10.45 2.29
N MET B 435 -11.39 9.51 3.20
CA MET B 435 -11.25 8.10 2.83
C MET B 435 -12.27 7.71 1.77
N LEU B 436 -13.53 8.14 1.92
CA LEU B 436 -14.53 7.85 0.91
C LEU B 436 -14.18 8.51 -0.43
N ILE B 437 -13.84 9.80 -0.39
CA ILE B 437 -13.50 10.53 -1.60
C ILE B 437 -12.27 9.91 -2.26
N GLY B 438 -11.29 9.52 -1.45
CA GLY B 438 -10.09 8.91 -1.99
C GLY B 438 -10.36 7.55 -2.60
N SER B 439 -11.22 6.75 -1.98
CA SER B 439 -11.59 5.47 -2.60
C SER B 439 -12.20 5.70 -3.98
N LEU B 440 -13.21 6.58 -4.06
CA LEU B 440 -13.85 6.82 -5.34
C LEU B 440 -12.87 7.38 -6.37
N MET B 441 -12.11 8.42 -5.99
CA MET B 441 -11.24 9.09 -6.93
C MET B 441 -10.05 8.23 -7.32
N TYR B 442 -9.47 7.49 -6.38
CA TYR B 442 -8.40 6.56 -6.68
C TYR B 442 -8.88 5.51 -7.68
N ALA B 443 -10.04 4.91 -7.41
CA ALA B 443 -10.58 3.93 -8.34
C ALA B 443 -10.73 4.52 -9.74
N SER B 444 -11.41 5.67 -9.84
CA SER B 444 -11.66 6.27 -11.15
C SER B 444 -10.36 6.63 -11.86
N ILE B 445 -9.49 7.40 -11.19
CA ILE B 445 -8.29 7.94 -11.82
C ILE B 445 -7.35 6.82 -12.22
N PHE B 446 -7.09 5.88 -11.32
CA PHE B 446 -6.11 4.85 -11.60
C PHE B 446 -6.74 3.62 -12.23
N GLY B 447 -8.02 3.69 -12.60
CA GLY B 447 -8.57 2.74 -13.55
C GLY B 447 -8.46 3.31 -14.95
N ASN B 448 -8.76 4.60 -15.09
CA ASN B 448 -8.65 5.19 -16.43
C ASN B 448 -7.18 5.33 -16.85
N VAL B 449 -6.28 5.62 -15.91
CA VAL B 449 -4.85 5.65 -16.25
C VAL B 449 -4.36 4.27 -16.61
N SER B 450 -4.75 3.26 -15.83
CA SER B 450 -4.35 1.89 -16.10
C SER B 450 -4.97 1.34 -17.38
N ALA B 451 -6.03 1.97 -17.88
CA ALA B 451 -6.57 1.62 -19.19
C ALA B 451 -5.92 2.41 -20.32
N ILE B 452 -5.52 3.66 -20.06
CA ILE B 452 -4.84 4.46 -21.07
C ILE B 452 -3.45 3.91 -21.34
N ILE B 453 -2.77 3.41 -20.30
CA ILE B 453 -1.38 3.01 -20.42
C ILE B 453 -1.15 1.88 -21.44
N GLN B 454 -2.22 1.28 -21.95
CA GLN B 454 -2.07 0.21 -22.94
C GLN B 454 -1.58 0.71 -24.29
N ARG B 455 -1.67 2.00 -24.55
CA ARG B 455 -1.23 2.54 -25.84
C ARG B 455 0.29 2.49 -25.93
N LYS C 197 -45.39 2.48 -9.39
CA LYS C 197 -44.70 1.64 -8.43
C LYS C 197 -43.20 1.96 -8.41
N ALA C 198 -42.77 2.80 -9.34
CA ALA C 198 -41.36 3.16 -9.44
C ALA C 198 -40.91 3.95 -8.21
N VAL C 199 -41.71 4.93 -7.79
CA VAL C 199 -41.33 5.71 -6.61
C VAL C 199 -41.45 4.89 -5.34
N TRP C 200 -42.33 3.89 -5.32
CA TRP C 200 -42.50 3.06 -4.13
C TRP C 200 -41.24 2.25 -3.84
N ASP C 201 -40.61 1.68 -4.87
CA ASP C 201 -39.44 0.84 -4.66
C ASP C 201 -38.29 1.66 -4.07
N TRP C 202 -38.07 2.87 -4.57
CA TRP C 202 -37.01 3.71 -4.03
C TRP C 202 -37.28 4.08 -2.57
N LEU C 203 -38.54 4.38 -2.24
CA LEU C 203 -38.88 4.70 -0.86
C LEU C 203 -38.66 3.50 0.05
N ILE C 204 -39.03 2.31 -0.40
CA ILE C 204 -38.81 1.11 0.40
C ILE C 204 -37.32 0.84 0.56
N LEU C 205 -36.53 1.09 -0.48
CA LEU C 205 -35.09 0.93 -0.37
C LEU C 205 -34.51 1.90 0.65
N LEU C 206 -34.99 3.14 0.65
CA LEU C 206 -34.53 4.11 1.64
C LEU C 206 -34.90 3.67 3.05
N LEU C 207 -36.12 3.15 3.24
CA LEU C 207 -36.53 2.68 4.56
C LEU C 207 -35.68 1.49 5.00
N VAL C 208 -35.39 0.57 4.07
CA VAL C 208 -34.55 -0.58 4.39
C VAL C 208 -33.15 -0.13 4.80
N ILE C 209 -32.59 0.83 4.06
CA ILE C 209 -31.29 1.38 4.43
C ILE C 209 -31.35 2.00 5.81
N TYR C 210 -32.43 2.73 6.10
CA TYR C 210 -32.57 3.36 7.41
C TYR C 210 -32.58 2.33 8.53
N THR C 211 -33.39 1.28 8.39
CA THR C 211 -33.48 0.31 9.48
C THR C 211 -32.19 -0.49 9.61
N ALA C 212 -31.55 -0.82 8.49
CA ALA C 212 -30.26 -1.52 8.55
C ALA C 212 -29.19 -0.66 9.20
N VAL C 213 -29.25 0.66 9.01
CA VAL C 213 -28.31 1.54 9.69
C VAL C 213 -28.62 1.62 11.18
N PHE C 214 -29.91 1.70 11.53
CA PHE C 214 -30.27 2.08 12.89
C PHE C 214 -30.27 0.90 13.85
N THR C 215 -30.82 -0.25 13.45
CA THR C 215 -31.00 -1.34 14.40
C THR C 215 -29.70 -1.86 15.01
N PRO C 216 -28.66 -2.21 14.23
CA PRO C 216 -27.40 -2.61 14.88
C PRO C 216 -26.77 -1.51 15.69
N TYR C 217 -26.91 -0.25 15.26
CA TYR C 217 -26.41 0.87 16.04
C TYR C 217 -27.04 0.88 17.44
N SER C 218 -28.36 0.76 17.50
CA SER C 218 -29.04 0.73 18.79
C SER C 218 -28.61 -0.47 19.61
N ALA C 219 -28.54 -1.65 18.97
CA ALA C 219 -28.19 -2.86 19.70
C ALA C 219 -26.79 -2.78 20.30
N ALA C 220 -25.85 -2.16 19.57
CA ALA C 220 -24.46 -2.15 20.01
C ALA C 220 -24.12 -0.97 20.91
N PHE C 221 -24.83 0.16 20.78
CA PHE C 221 -24.48 1.37 21.52
C PHE C 221 -25.48 1.74 22.60
N LEU C 222 -26.78 1.60 22.35
CA LEU C 222 -27.81 2.07 23.26
C LEU C 222 -28.46 0.92 24.02
N LEU C 223 -27.68 -0.07 24.44
CA LEU C 223 -28.24 -1.20 25.17
C LEU C 223 -28.81 -0.76 26.51
N LYS C 224 -28.16 0.18 27.18
CA LYS C 224 -28.62 0.68 28.47
C LYS C 224 -27.80 1.90 28.90
N LEU C 310 -32.02 -6.79 26.04
CA LEU C 310 -32.32 -8.13 25.55
C LEU C 310 -33.36 -8.08 24.43
N ILE C 311 -34.30 -7.15 24.55
CA ILE C 311 -35.34 -7.01 23.53
C ILE C 311 -34.73 -6.55 22.22
N GLY C 312 -33.70 -5.70 22.28
CA GLY C 312 -33.04 -5.28 21.06
C GLY C 312 -32.37 -6.41 20.31
N LEU C 313 -31.89 -7.43 21.04
CA LEU C 313 -31.28 -8.57 20.39
C LEU C 313 -32.28 -9.30 19.49
N LEU C 314 -33.52 -9.46 19.95
CA LEU C 314 -34.55 -10.04 19.10
C LEU C 314 -35.02 -9.06 18.04
N LYS C 315 -35.03 -7.76 18.36
CA LYS C 315 -35.43 -6.76 17.37
C LYS C 315 -34.46 -6.68 16.21
N THR C 316 -33.19 -7.09 16.41
CA THR C 316 -32.22 -7.12 15.33
C THR C 316 -32.56 -8.13 14.24
N ALA C 317 -33.68 -8.86 14.37
CA ALA C 317 -34.13 -9.76 13.31
C ALA C 317 -34.57 -9.02 12.05
N ARG C 318 -34.71 -7.69 12.12
CA ARG C 318 -35.08 -6.90 10.96
C ARG C 318 -33.99 -6.85 9.91
N LEU C 319 -32.78 -7.32 10.23
CA LEU C 319 -31.69 -7.30 9.26
C LEU C 319 -31.98 -8.19 8.05
N LEU C 320 -32.83 -9.21 8.21
CA LEU C 320 -33.19 -10.08 7.10
C LEU C 320 -34.11 -9.40 6.09
N ARG C 321 -34.62 -8.22 6.41
CA ARG C 321 -35.51 -7.49 5.52
C ARG C 321 -34.82 -7.02 4.24
N LEU C 322 -33.49 -7.06 4.20
CA LEU C 322 -32.74 -6.65 3.01
C LEU C 322 -32.89 -7.63 1.84
N VAL C 323 -33.55 -8.78 2.05
CA VAL C 323 -33.75 -9.72 0.94
C VAL C 323 -34.60 -9.08 -0.16
N ARG C 324 -35.46 -8.13 0.20
CA ARG C 324 -36.25 -7.44 -0.81
C ARG C 324 -35.37 -6.64 -1.75
N VAL C 325 -34.45 -5.83 -1.20
CA VAL C 325 -33.54 -5.08 -2.06
C VAL C 325 -32.59 -6.03 -2.78
N ALA C 326 -32.26 -7.17 -2.16
CA ALA C 326 -31.41 -8.14 -2.84
C ALA C 326 -32.10 -8.70 -4.08
N ARG C 327 -33.39 -9.02 -3.97
CA ARG C 327 -34.11 -9.58 -5.11
C ARG C 327 -34.47 -8.51 -6.14
N LYS C 328 -34.64 -7.25 -5.73
CA LYS C 328 -34.94 -6.18 -6.66
C LYS C 328 -33.71 -5.43 -7.14
N LEU C 329 -32.51 -5.90 -6.79
CA LEU C 329 -31.29 -5.35 -7.38
C LEU C 329 -31.35 -5.39 -8.90
N ASP C 330 -31.98 -6.41 -9.48
CA ASP C 330 -32.14 -6.46 -10.93
C ASP C 330 -32.92 -5.26 -11.43
N ARG C 331 -33.93 -4.83 -10.68
CA ARG C 331 -34.66 -3.61 -11.02
C ARG C 331 -33.84 -2.37 -10.70
N TYR C 332 -32.87 -2.49 -9.79
CA TYR C 332 -32.01 -1.37 -9.40
C TYR C 332 -30.74 -1.29 -10.23
N SER C 333 -30.58 -2.15 -11.23
CA SER C 333 -29.35 -2.22 -12.02
C SER C 333 -29.55 -1.63 -13.41
N GLU C 334 -30.35 -0.57 -13.52
CA GLU C 334 -30.61 0.03 -14.83
C GLU C 334 -29.42 0.81 -15.34
N TYR C 335 -28.99 1.83 -14.60
CA TYR C 335 -27.93 2.73 -15.05
C TYR C 335 -26.74 2.66 -14.10
N GLY C 336 -25.56 3.00 -14.63
CA GLY C 336 -24.33 2.86 -13.87
C GLY C 336 -24.28 3.74 -12.63
N ALA C 337 -24.87 4.93 -12.70
CA ALA C 337 -24.87 5.81 -11.53
C ALA C 337 -25.61 5.17 -10.37
N ALA C 338 -26.74 4.53 -10.64
CA ALA C 338 -27.52 3.89 -9.58
C ALA C 338 -26.72 2.78 -8.92
N VAL C 339 -26.07 1.93 -9.72
CA VAL C 339 -25.31 0.83 -9.13
C VAL C 339 -24.08 1.34 -8.41
N LEU C 340 -23.45 2.42 -8.89
CA LEU C 340 -22.32 3.00 -8.19
C LEU C 340 -22.75 3.56 -6.83
N PHE C 341 -23.88 4.26 -6.79
CA PHE C 341 -24.38 4.78 -5.53
C PHE C 341 -24.75 3.64 -4.58
N LEU C 342 -25.33 2.57 -5.12
CA LEU C 342 -25.63 1.41 -4.29
C LEU C 342 -24.36 0.79 -3.73
N LEU C 343 -23.30 0.73 -4.54
CA LEU C 343 -22.03 0.19 -4.06
C LEU C 343 -21.47 1.05 -2.92
N MET C 344 -21.52 2.37 -3.08
CA MET C 344 -21.08 3.25 -2.01
C MET C 344 -21.92 3.06 -0.76
N CYS C 345 -23.23 2.89 -0.93
CA CYS C 345 -24.12 2.70 0.20
C CYS C 345 -23.81 1.40 0.95
N THR C 346 -23.55 0.31 0.22
CA THR C 346 -23.26 -0.94 0.92
C THR C 346 -21.85 -0.92 1.52
N PHE C 347 -20.92 -0.18 0.91
CA PHE C 347 -19.62 0.06 1.54
C PHE C 347 -19.81 0.75 2.90
N ALA C 348 -20.60 1.82 2.92
CA ALA C 348 -20.86 2.52 4.17
C ALA C 348 -21.59 1.63 5.17
N LEU C 349 -22.52 0.80 4.69
CA LEU C 349 -23.27 -0.08 5.58
C LEU C 349 -22.37 -1.14 6.20
N ILE C 350 -21.49 -1.75 5.40
CA ILE C 350 -20.55 -2.73 5.94
C ILE C 350 -19.63 -2.07 6.95
N ALA C 351 -19.15 -0.86 6.63
CA ALA C 351 -18.30 -0.15 7.59
C ALA C 351 -19.04 0.13 8.88
N HIS C 352 -20.33 0.50 8.79
CA HIS C 352 -21.12 0.76 9.98
C HIS C 352 -21.32 -0.50 10.82
N TRP C 353 -21.62 -1.63 10.17
CA TRP C 353 -21.82 -2.87 10.92
C TRP C 353 -20.52 -3.33 11.57
N LEU C 354 -19.41 -3.24 10.85
CA LEU C 354 -18.13 -3.59 11.46
C LEU C 354 -17.75 -2.64 12.58
N ALA C 355 -18.12 -1.36 12.47
CA ALA C 355 -17.89 -0.43 13.58
C ALA C 355 -18.69 -0.83 14.80
N CYS C 356 -19.95 -1.22 14.61
CA CYS C 356 -20.75 -1.68 15.74
C CYS C 356 -20.17 -2.92 16.38
N ILE C 357 -19.71 -3.88 15.56
CA ILE C 357 -19.11 -5.10 16.10
C ILE C 357 -17.83 -4.78 16.85
N TRP C 358 -17.01 -3.87 16.31
CA TRP C 358 -15.78 -3.48 16.97
C TRP C 358 -16.05 -2.80 18.30
N TYR C 359 -17.07 -1.94 18.34
CA TYR C 359 -17.42 -1.30 19.61
C TYR C 359 -17.93 -2.33 20.62
N ALA C 360 -18.73 -3.29 20.16
CA ALA C 360 -19.20 -4.34 21.07
C ALA C 360 -18.04 -5.15 21.62
N ILE C 361 -17.07 -5.49 20.77
CA ILE C 361 -15.89 -6.23 21.22
C ILE C 361 -15.11 -5.42 22.25
N GLY C 362 -14.92 -4.12 21.98
CA GLY C 362 -14.18 -3.29 22.91
C GLY C 362 -14.90 -3.10 24.22
N ASN C 363 -16.23 -3.01 24.19
CA ASN C 363 -17.01 -2.80 25.40
C ASN C 363 -17.15 -4.07 26.22
N MET C 364 -17.09 -5.24 25.59
CA MET C 364 -17.20 -6.49 26.34
C MET C 364 -15.96 -6.75 27.19
N GLU C 365 -14.85 -6.07 26.92
CA GLU C 365 -13.63 -6.25 27.70
C GLU C 365 -13.24 -5.02 28.52
N GLN C 366 -13.93 -3.89 28.33
CA GLN C 366 -13.60 -2.68 29.08
C GLN C 366 -13.74 -2.86 30.59
N PRO C 367 -14.82 -3.45 31.12
CA PRO C 367 -14.87 -3.66 32.58
C PRO C 367 -13.73 -4.50 33.13
N HIS C 368 -13.26 -5.48 32.38
CA HIS C 368 -12.16 -6.32 32.82
C HIS C 368 -10.94 -6.16 31.93
N ARG C 372 -4.33 -0.93 30.74
CA ARG C 372 -4.52 -0.08 29.57
C ARG C 372 -4.74 -0.92 28.32
N ILE C 373 -4.99 -2.21 28.53
CA ILE C 373 -5.22 -3.11 27.42
C ILE C 373 -6.58 -2.82 26.80
N GLY C 374 -6.63 -2.81 25.48
CA GLY C 374 -7.84 -2.49 24.75
C GLY C 374 -7.69 -1.17 23.99
N TRP C 375 -8.77 -0.82 23.28
CA TRP C 375 -8.78 0.42 22.52
C TRP C 375 -9.62 1.51 23.17
N LEU C 376 -10.58 1.15 24.03
CA LEU C 376 -11.37 2.17 24.71
C LEU C 376 -10.53 2.96 25.69
N HIS C 377 -9.68 2.28 26.46
CA HIS C 377 -8.81 2.98 27.40
C HIS C 377 -7.83 3.89 26.69
N ASN C 378 -7.22 3.39 25.60
CA ASN C 378 -6.30 4.22 24.83
C ASN C 378 -7.01 5.42 24.23
N LEU C 379 -8.22 5.22 23.71
CA LEU C 379 -8.98 6.33 23.14
C LEU C 379 -9.29 7.37 24.21
N GLY C 380 -9.69 6.92 25.41
CA GLY C 380 -9.93 7.85 26.49
C GLY C 380 -8.67 8.63 26.87
N ASP C 381 -7.53 7.95 26.88
CA ASP C 381 -6.28 8.63 27.20
C ASP C 381 -5.88 9.62 26.11
N GLN C 382 -6.25 9.35 24.86
CA GLN C 382 -5.84 10.22 23.75
C GLN C 382 -6.65 11.50 23.70
N ILE C 383 -7.97 11.39 23.55
CA ILE C 383 -8.80 12.56 23.35
C ILE C 383 -8.83 13.47 24.56
N GLY C 384 -8.50 12.96 25.75
CA GLY C 384 -8.36 13.83 26.91
C GLY C 384 -9.07 13.36 28.16
N LYS C 385 -10.25 12.75 28.02
CA LYS C 385 -11.03 12.33 29.18
C LYS C 385 -10.66 10.90 29.55
N PRO C 386 -10.02 10.68 30.70
CA PRO C 386 -9.66 9.31 31.09
C PRO C 386 -10.89 8.51 31.51
N TYR C 387 -10.74 7.19 31.47
CA TYR C 387 -11.81 6.29 31.88
C TYR C 387 -11.89 6.18 33.40
N GLY C 393 -16.68 7.87 33.68
CA GLY C 393 -16.95 8.81 32.60
C GLY C 393 -16.42 8.33 31.26
N GLY C 394 -15.27 8.88 30.86
CA GLY C 394 -14.65 8.51 29.62
C GLY C 394 -15.27 9.20 28.43
N PRO C 395 -14.92 8.75 27.22
CA PRO C 395 -15.48 9.36 26.01
C PRO C 395 -16.97 9.14 25.92
N SER C 396 -17.65 10.08 25.26
CA SER C 396 -19.09 10.00 25.07
C SER C 396 -19.41 9.02 23.95
N ILE C 397 -20.71 8.78 23.75
CA ILE C 397 -21.14 7.86 22.70
C ILE C 397 -20.74 8.38 21.34
N LYS C 398 -20.84 9.69 21.13
CA LYS C 398 -20.45 10.28 19.86
C LYS C 398 -18.98 10.02 19.56
N ASP C 399 -18.10 10.29 20.53
CA ASP C 399 -16.67 10.07 20.33
C ASP C 399 -16.36 8.60 20.08
N LYS C 400 -17.00 7.71 20.84
CA LYS C 400 -16.75 6.27 20.67
C LYS C 400 -17.19 5.81 19.29
N TYR C 401 -18.36 6.23 18.84
CA TYR C 401 -18.82 5.81 17.52
C TYR C 401 -17.96 6.39 16.41
N VAL C 402 -17.56 7.66 16.53
CA VAL C 402 -16.72 8.26 15.50
C VAL C 402 -15.38 7.54 15.43
N THR C 403 -14.79 7.24 16.59
CA THR C 403 -13.52 6.52 16.61
C THR C 403 -13.67 5.13 16.00
N ALA C 404 -14.75 4.42 16.34
CA ALA C 404 -14.94 3.08 15.80
C ALA C 404 -15.11 3.11 14.29
N LEU C 405 -15.92 4.05 13.79
CA LEU C 405 -16.12 4.16 12.35
C LEU C 405 -14.83 4.56 11.63
N TYR C 406 -14.07 5.47 12.23
CA TYR C 406 -12.82 5.91 11.61
C TYR C 406 -11.81 4.77 11.56
N PHE C 407 -11.68 3.99 12.64
CA PHE C 407 -10.79 2.84 12.61
C PHE C 407 -11.25 1.81 11.60
N THR C 408 -12.56 1.54 11.54
CA THR C 408 -13.07 0.57 10.60
C THR C 408 -12.81 0.99 9.16
N PHE C 409 -12.99 2.28 8.86
CA PHE C 409 -12.70 2.77 7.51
C PHE C 409 -11.21 2.69 7.20
N SER C 410 -10.37 3.04 8.17
CA SER C 410 -8.93 2.98 7.94
C SER C 410 -8.47 1.55 7.66
N SER C 411 -8.99 0.59 8.41
CA SER C 411 -8.64 -0.81 8.18
C SER C 411 -9.22 -1.32 6.86
N LEU C 412 -10.45 -0.92 6.54
CA LEU C 412 -11.08 -1.39 5.30
C LEU C 412 -10.34 -0.88 4.08
N THR C 413 -9.91 0.38 4.10
CA THR C 413 -9.25 1.00 2.96
C THR C 413 -7.75 0.80 2.97
N SER C 414 -7.22 0.04 3.94
CA SER C 414 -5.80 -0.30 4.00
C SER C 414 -4.93 0.94 4.16
N VAL C 415 -5.28 1.77 5.15
CA VAL C 415 -4.47 2.91 5.53
C VAL C 415 -3.66 2.61 6.77
N GLY C 416 -4.31 2.18 7.84
CA GLY C 416 -3.61 1.91 9.08
C GLY C 416 -3.00 3.17 9.66
N PHE C 417 -3.86 4.09 10.10
CA PHE C 417 -3.38 5.40 10.56
C PHE C 417 -2.49 5.31 11.77
N GLY C 418 -2.61 4.25 12.58
CA GLY C 418 -1.77 4.10 13.74
C GLY C 418 -2.22 4.87 14.96
N ASN C 419 -3.30 5.64 14.86
CA ASN C 419 -3.84 6.32 16.03
C ASN C 419 -4.41 5.31 17.01
N VAL C 420 -5.23 4.38 16.53
CA VAL C 420 -5.79 3.30 17.34
C VAL C 420 -5.44 1.98 16.66
N SER C 421 -4.96 1.03 17.46
CA SER C 421 -4.51 -0.26 16.94
C SER C 421 -4.96 -1.36 17.88
N PRO C 422 -5.25 -2.55 17.35
CA PRO C 422 -5.67 -3.66 18.21
C PRO C 422 -4.58 -4.07 19.19
N ASN C 423 -5.01 -4.47 20.39
CA ASN C 423 -4.07 -4.84 21.44
C ASN C 423 -4.49 -6.10 22.19
N THR C 424 -5.58 -6.75 21.82
CA THR C 424 -6.04 -7.97 22.46
C THR C 424 -6.28 -9.01 21.38
N ASN C 425 -6.21 -10.29 21.78
CA ASN C 425 -6.35 -11.38 20.80
C ASN C 425 -7.68 -11.27 20.06
N SER C 426 -8.76 -10.94 20.77
CA SER C 426 -10.05 -10.75 20.11
C SER C 426 -9.97 -9.61 19.10
N GLU C 427 -9.37 -8.49 19.51
CA GLU C 427 -9.23 -7.36 18.59
C GLU C 427 -8.32 -7.70 17.41
N LYS C 428 -7.26 -8.47 17.66
CA LYS C 428 -6.37 -8.85 16.57
C LYS C 428 -7.07 -9.76 15.56
N ILE C 429 -7.85 -10.72 16.05
CA ILE C 429 -8.58 -11.60 15.15
C ILE C 429 -9.63 -10.82 14.36
N PHE C 430 -10.34 -9.91 15.04
CA PHE C 430 -11.31 -9.08 14.35
C PHE C 430 -10.64 -8.23 13.26
N SER C 431 -9.48 -7.65 13.57
CA SER C 431 -8.76 -6.88 12.57
C SER C 431 -8.33 -7.77 11.40
N ILE C 432 -7.89 -9.00 11.69
CA ILE C 432 -7.49 -9.91 10.63
C ILE C 432 -8.65 -10.17 9.68
N CYS C 433 -9.85 -10.40 10.23
CA CYS C 433 -11.03 -10.58 9.38
C CYS C 433 -11.36 -9.30 8.61
N VAL C 434 -11.21 -8.15 9.27
CA VAL C 434 -11.59 -6.87 8.67
C VAL C 434 -10.72 -6.56 7.46
N MET C 435 -9.41 -6.83 7.56
CA MET C 435 -8.53 -6.59 6.40
C MET C 435 -9.00 -7.38 5.19
N LEU C 436 -9.31 -8.65 5.38
CA LEU C 436 -9.72 -9.49 4.26
C LEU C 436 -11.03 -9.01 3.66
N ILE C 437 -12.03 -8.74 4.49
CA ILE C 437 -13.32 -8.33 3.93
C ILE C 437 -13.19 -6.97 3.25
N GLY C 438 -12.42 -6.06 3.85
CA GLY C 438 -12.22 -4.76 3.24
C GLY C 438 -11.49 -4.83 1.92
N SER C 439 -10.49 -5.69 1.81
CA SER C 439 -9.77 -5.82 0.54
C SER C 439 -10.64 -6.50 -0.51
N LEU C 440 -11.46 -7.47 -0.10
CA LEU C 440 -12.40 -8.08 -1.03
C LEU C 440 -13.38 -7.05 -1.57
N MET C 441 -13.91 -6.19 -0.69
CA MET C 441 -14.82 -5.16 -1.13
C MET C 441 -14.12 -4.11 -1.98
N TYR C 442 -12.89 -3.75 -1.63
CA TYR C 442 -12.05 -2.95 -2.52
C TYR C 442 -12.07 -3.53 -3.92
N ALA C 443 -11.60 -4.76 -4.06
CA ALA C 443 -11.50 -5.39 -5.37
C ALA C 443 -12.83 -5.35 -6.09
N SER C 444 -13.89 -5.81 -5.44
CA SER C 444 -15.19 -5.92 -6.10
C SER C 444 -15.71 -4.56 -6.54
N ILE C 445 -15.89 -3.64 -5.59
CA ILE C 445 -16.60 -2.41 -5.89
C ILE C 445 -15.78 -1.49 -6.79
N PHE C 446 -14.46 -1.41 -6.61
CA PHE C 446 -13.70 -0.58 -7.56
C PHE C 446 -13.38 -1.28 -8.88
N GLY C 447 -13.41 -2.61 -8.95
CA GLY C 447 -13.45 -3.24 -10.27
C GLY C 447 -14.72 -2.90 -11.01
N ASN C 448 -15.85 -2.92 -10.30
CA ASN C 448 -17.09 -2.42 -10.89
C ASN C 448 -16.93 -0.98 -11.35
N VAL C 449 -16.45 -0.10 -10.47
CA VAL C 449 -16.32 1.32 -10.79
C VAL C 449 -15.48 1.51 -12.04
N SER C 450 -14.36 0.78 -12.14
CA SER C 450 -13.56 0.83 -13.35
C SER C 450 -14.33 0.30 -14.56
N ALA C 451 -15.29 -0.60 -14.33
CA ALA C 451 -16.12 -1.05 -15.44
C ALA C 451 -17.06 0.05 -15.93
N ILE C 452 -17.77 0.71 -15.02
CA ILE C 452 -18.72 1.74 -15.48
C ILE C 452 -17.98 2.95 -16.04
N ILE C 453 -16.84 3.33 -15.47
CA ILE C 453 -16.20 4.58 -15.90
C ILE C 453 -15.83 4.50 -17.39
N GLN C 454 -15.41 3.32 -17.85
CA GLN C 454 -15.12 3.16 -19.27
C GLN C 454 -16.40 3.13 -20.12
N ARG C 455 -17.55 2.87 -19.52
CA ARG C 455 -18.81 2.87 -20.24
C ARG C 455 -19.35 4.29 -20.38
N LYS D 197 -13.97 -42.86 -4.83
CA LYS D 197 -12.72 -42.36 -5.38
C LYS D 197 -12.92 -40.89 -5.74
N ALA D 198 -14.14 -40.57 -6.18
CA ALA D 198 -14.45 -39.19 -6.55
C ALA D 198 -14.30 -38.25 -5.37
N VAL D 199 -14.76 -38.68 -4.18
CA VAL D 199 -14.56 -37.88 -2.96
C VAL D 199 -13.22 -38.14 -2.32
N TRP D 200 -12.49 -39.18 -2.73
CA TRP D 200 -11.18 -39.46 -2.16
C TRP D 200 -10.21 -38.33 -2.43
N ASP D 201 -10.24 -37.78 -3.65
CA ASP D 201 -9.33 -36.68 -3.98
C ASP D 201 -9.64 -35.43 -3.16
N TRP D 202 -10.91 -35.12 -2.95
CA TRP D 202 -11.27 -33.97 -2.12
C TRP D 202 -10.86 -34.21 -0.67
N LEU D 203 -11.02 -35.42 -0.17
CA LEU D 203 -10.57 -35.74 1.18
C LEU D 203 -9.06 -35.59 1.30
N ILE D 204 -8.33 -36.04 0.28
CA ILE D 204 -6.86 -35.90 0.30
C ILE D 204 -6.47 -34.44 0.23
N LEU D 205 -7.22 -33.62 -0.52
CA LEU D 205 -6.97 -32.19 -0.55
C LEU D 205 -7.17 -31.57 0.83
N LEU D 206 -8.23 -31.97 1.52
CA LEU D 206 -8.43 -31.50 2.89
C LEU D 206 -7.27 -31.93 3.79
N LEU D 207 -6.79 -33.17 3.63
CA LEU D 207 -5.69 -33.65 4.45
C LEU D 207 -4.40 -32.88 4.18
N VAL D 208 -4.09 -32.59 2.92
CA VAL D 208 -2.87 -31.86 2.63
C VAL D 208 -3.00 -30.42 3.13
N ILE D 209 -4.20 -29.83 3.04
CA ILE D 209 -4.40 -28.51 3.62
C ILE D 209 -4.14 -28.55 5.13
N TYR D 210 -4.66 -29.58 5.81
CA TYR D 210 -4.45 -29.70 7.25
C TYR D 210 -2.97 -29.83 7.58
N THR D 211 -2.25 -30.68 6.84
CA THR D 211 -0.84 -30.88 7.18
C THR D 211 -0.01 -29.66 6.85
N ALA D 212 -0.35 -28.93 5.79
CA ALA D 212 0.34 -27.67 5.49
C ALA D 212 0.05 -26.62 6.56
N VAL D 213 -1.14 -26.68 7.16
CA VAL D 213 -1.45 -25.75 8.26
C VAL D 213 -0.65 -26.11 9.50
N PHE D 214 -0.55 -27.41 9.83
CA PHE D 214 -0.09 -27.82 11.15
C PHE D 214 1.36 -28.28 11.20
N THR D 215 2.04 -28.45 10.06
CA THR D 215 3.43 -28.87 10.15
C THR D 215 4.37 -27.70 10.44
N PRO D 216 4.28 -26.58 9.71
CA PRO D 216 5.10 -25.42 10.12
C PRO D 216 4.77 -24.91 11.51
N TYR D 217 3.50 -24.98 11.92
CA TYR D 217 3.13 -24.52 13.26
C TYR D 217 3.84 -25.36 14.32
N SER D 218 3.82 -26.68 14.16
CA SER D 218 4.47 -27.55 15.13
C SER D 218 5.99 -27.46 15.05
N ALA D 219 6.52 -27.16 13.87
CA ALA D 219 7.97 -27.05 13.71
C ALA D 219 8.51 -25.69 14.16
N ALA D 220 7.65 -24.69 14.31
CA ALA D 220 8.07 -23.35 14.72
C ALA D 220 7.74 -23.06 16.18
N PHE D 221 6.49 -23.23 16.58
CA PHE D 221 6.08 -22.86 17.94
C PHE D 221 6.23 -24.02 18.92
N LEU D 222 5.55 -25.14 18.65
CA LEU D 222 5.54 -26.27 19.56
C LEU D 222 6.72 -27.20 19.26
N LEU D 223 7.92 -26.71 19.58
CA LEU D 223 9.13 -27.49 19.41
C LEU D 223 10.04 -27.49 20.63
N LYS D 224 9.96 -26.48 21.49
CA LYS D 224 10.78 -26.41 22.71
C LYS D 224 12.26 -26.54 22.42
N LEU D 242 -2.16 -32.81 19.23
CA LEU D 242 -1.82 -34.19 19.59
C LEU D 242 -1.29 -34.95 18.39
N ALA D 243 -0.70 -36.12 18.66
CA ALA D 243 -0.13 -36.95 17.60
C ALA D 243 -1.12 -37.96 17.04
N VAL D 244 -2.30 -38.09 17.63
CA VAL D 244 -3.29 -39.03 17.12
C VAL D 244 -3.77 -38.62 15.74
N VAL D 245 -4.07 -37.33 15.56
CA VAL D 245 -4.50 -36.84 14.25
C VAL D 245 -3.39 -36.99 13.23
N ASP D 246 -2.15 -36.72 13.64
CA ASP D 246 -1.01 -36.90 12.73
C ASP D 246 -0.87 -38.35 12.29
N LEU D 247 -1.03 -39.28 13.25
CA LEU D 247 -0.96 -40.70 12.92
C LEU D 247 -2.07 -41.10 11.94
N ILE D 248 -3.29 -40.63 12.20
CA ILE D 248 -4.41 -40.94 11.32
C ILE D 248 -4.15 -40.39 9.92
N VAL D 249 -3.64 -39.16 9.83
CA VAL D 249 -3.41 -38.53 8.53
C VAL D 249 -2.32 -39.25 7.76
N ASP D 250 -1.23 -39.63 8.42
CA ASP D 250 -0.18 -40.34 7.70
C ASP D 250 -0.63 -41.73 7.29
N ILE D 251 -1.46 -42.38 8.11
CA ILE D 251 -2.03 -43.67 7.71
C ILE D 251 -2.90 -43.51 6.47
N MET D 252 -3.70 -42.43 6.43
CA MET D 252 -4.54 -42.18 5.27
C MET D 252 -3.69 -41.91 4.03
N PHE D 253 -2.60 -41.16 4.17
CA PHE D 253 -1.73 -40.93 3.03
C PHE D 253 -1.05 -42.21 2.57
N ILE D 254 -0.70 -43.09 3.51
CA ILE D 254 -0.14 -44.39 3.15
C ILE D 254 -1.16 -45.22 2.37
N VAL D 255 -2.41 -45.25 2.83
CA VAL D 255 -3.41 -46.01 2.10
C VAL D 255 -3.68 -45.37 0.74
N ASP D 256 -3.52 -44.05 0.63
CA ASP D 256 -3.72 -43.39 -0.66
C ASP D 256 -2.62 -43.77 -1.66
N ILE D 257 -1.36 -43.77 -1.22
CA ILE D 257 -0.31 -44.19 -2.14
C ILE D 257 -0.47 -45.68 -2.44
N LEU D 258 -0.99 -46.45 -1.49
CA LEU D 258 -1.26 -47.87 -1.75
C LEU D 258 -2.28 -48.05 -2.86
N ILE D 259 -3.43 -47.37 -2.77
CA ILE D 259 -4.46 -47.54 -3.78
C ILE D 259 -3.99 -46.97 -5.12
N ASN D 260 -3.22 -45.88 -5.08
CA ASN D 260 -2.67 -45.33 -6.32
C ASN D 260 -1.57 -46.21 -6.93
N PHE D 261 -1.30 -47.38 -6.36
CA PHE D 261 -0.30 -48.30 -6.87
C PHE D 261 1.08 -47.67 -6.95
N GLY D 277 -4.03 -53.59 -16.47
CA GLY D 277 -3.22 -54.70 -16.01
C GLY D 277 -2.25 -54.31 -14.91
N ARG D 278 -1.05 -53.90 -15.30
CA ARG D 278 -0.01 -53.48 -14.37
C ARG D 278 0.36 -52.03 -14.71
N ILE D 279 -0.28 -51.09 -14.04
CA ILE D 279 -0.02 -49.67 -14.24
C ILE D 279 1.07 -49.23 -13.27
N ALA D 280 1.67 -50.19 -12.56
CA ALA D 280 2.69 -49.87 -11.58
C ALA D 280 3.90 -49.20 -12.25
N VAL D 281 4.33 -49.71 -13.40
CA VAL D 281 5.47 -49.11 -14.09
C VAL D 281 5.16 -47.66 -14.46
N HIS D 282 3.90 -47.37 -14.78
CA HIS D 282 3.52 -45.99 -15.05
C HIS D 282 3.63 -45.14 -13.80
N TYR D 283 3.29 -45.69 -12.64
CA TYR D 283 3.40 -44.94 -11.38
C TYR D 283 4.84 -44.65 -11.04
N PHE D 284 5.71 -45.67 -11.10
CA PHE D 284 7.14 -45.49 -10.85
C PHE D 284 7.80 -44.90 -12.11
N LYS D 285 7.41 -43.66 -12.40
CA LYS D 285 7.95 -42.91 -13.53
C LYS D 285 8.28 -41.49 -13.09
N GLY D 286 8.93 -41.36 -11.94
CA GLY D 286 9.25 -40.06 -11.40
C GLY D 286 8.14 -39.39 -10.60
N TRP D 287 7.03 -40.09 -10.35
CA TRP D 287 5.94 -39.55 -9.57
C TRP D 287 5.68 -40.30 -8.26
N PHE D 288 6.24 -41.50 -8.09
CA PHE D 288 6.07 -42.25 -6.85
C PHE D 288 7.14 -41.92 -5.83
N LEU D 289 8.37 -41.63 -6.28
CA LEU D 289 9.45 -41.34 -5.35
C LEU D 289 9.17 -40.06 -4.56
N ILE D 290 8.63 -39.04 -5.22
CA ILE D 290 8.37 -37.78 -4.54
C ILE D 290 7.32 -37.95 -3.45
N ASP D 291 6.41 -38.91 -3.63
CA ASP D 291 5.49 -39.25 -2.55
C ASP D 291 6.17 -40.11 -1.48
N MET D 292 7.07 -40.99 -1.90
CA MET D 292 7.76 -41.87 -0.95
C MET D 292 8.59 -41.05 0.05
N VAL D 293 9.31 -40.03 -0.44
CA VAL D 293 10.07 -39.18 0.47
C VAL D 293 9.15 -38.39 1.40
N ALA D 294 7.87 -38.26 1.05
CA ALA D 294 6.90 -37.57 1.88
C ALA D 294 5.95 -38.55 2.58
N ALA D 295 6.36 -39.80 2.73
CA ALA D 295 5.49 -40.81 3.34
C ALA D 295 6.17 -41.51 4.51
N ILE D 296 7.47 -41.73 4.40
CA ILE D 296 8.21 -42.48 5.42
C ILE D 296 8.25 -41.69 6.72
N PRO D 297 8.23 -42.35 7.87
CA PRO D 297 8.39 -41.64 9.14
C PRO D 297 9.86 -41.33 9.42
N PHE D 298 10.09 -40.57 10.50
CA PHE D 298 11.44 -40.23 10.92
C PHE D 298 11.76 -40.74 12.32
N ASP D 299 10.92 -41.62 12.87
CA ASP D 299 11.19 -42.16 14.19
C ASP D 299 12.40 -43.10 14.15
N LEU D 300 13.22 -43.04 15.20
CA LEU D 300 14.39 -43.89 15.30
C LEU D 300 14.85 -44.01 16.76
N LEU D 310 15.16 -30.05 17.37
CA LEU D 310 15.42 -31.48 17.52
C LEU D 310 15.11 -32.23 16.23
N ILE D 311 13.94 -32.87 16.20
CA ILE D 311 13.53 -33.70 15.08
C ILE D 311 12.30 -33.17 14.36
N GLY D 312 11.71 -32.07 14.85
CA GLY D 312 10.66 -31.41 14.09
C GLY D 312 11.12 -30.96 12.72
N LEU D 313 12.39 -30.58 12.61
CA LEU D 313 12.95 -30.25 11.30
C LEU D 313 12.91 -31.44 10.36
N LEU D 314 13.10 -32.66 10.88
CA LEU D 314 13.02 -33.83 10.02
C LEU D 314 11.58 -34.19 9.68
N LYS D 315 10.64 -34.06 10.62
CA LYS D 315 9.27 -34.27 10.15
C LYS D 315 8.70 -33.09 9.36
N THR D 316 9.43 -31.98 9.23
CA THR D 316 8.98 -30.92 8.34
C THR D 316 8.97 -31.35 6.88
N ALA D 317 9.59 -32.47 6.54
CA ALA D 317 9.63 -32.94 5.16
C ALA D 317 8.26 -33.37 4.64
N ARG D 318 7.25 -33.50 5.50
CA ARG D 318 5.91 -33.87 5.05
C ARG D 318 5.27 -32.81 4.16
N LEU D 319 5.85 -31.60 4.10
CA LEU D 319 5.30 -30.52 3.29
C LEU D 319 5.39 -30.82 1.79
N LEU D 320 6.13 -31.84 1.39
CA LEU D 320 6.21 -32.22 -0.02
C LEU D 320 4.88 -32.75 -0.56
N ARG D 321 3.91 -33.02 0.31
CA ARG D 321 2.63 -33.57 -0.12
C ARG D 321 1.82 -32.61 -0.98
N LEU D 322 2.18 -31.32 -1.01
CA LEU D 322 1.43 -30.37 -1.82
C LEU D 322 1.58 -30.64 -3.32
N VAL D 323 2.61 -31.39 -3.73
CA VAL D 323 2.71 -31.79 -5.13
C VAL D 323 1.56 -32.69 -5.53
N ARG D 324 0.95 -33.38 -4.57
CA ARG D 324 -0.22 -34.20 -4.87
C ARG D 324 -1.41 -33.34 -5.28
N VAL D 325 -1.63 -32.23 -4.57
CA VAL D 325 -2.71 -31.33 -4.97
C VAL D 325 -2.32 -30.48 -6.16
N ALA D 326 -1.02 -30.31 -6.42
CA ALA D 326 -0.59 -29.56 -7.59
C ALA D 326 -0.71 -30.37 -8.88
N ARG D 327 -0.56 -31.69 -8.79
CA ARG D 327 -0.56 -32.52 -9.99
C ARG D 327 -1.94 -32.68 -10.60
N LYS D 328 -3.00 -32.44 -9.83
CA LYS D 328 -4.38 -32.62 -10.31
C LYS D 328 -5.18 -31.34 -10.14
N LEU D 329 -4.58 -30.20 -10.48
CA LEU D 329 -5.29 -28.92 -10.38
C LEU D 329 -6.42 -28.84 -11.39
N ASP D 330 -6.32 -29.57 -12.50
CA ASP D 330 -7.38 -29.54 -13.51
C ASP D 330 -8.69 -30.07 -12.95
N ARG D 331 -8.64 -31.13 -12.15
CA ARG D 331 -9.85 -31.68 -11.55
C ARG D 331 -10.46 -30.69 -10.57
N TYR D 332 -9.62 -30.04 -9.76
CA TYR D 332 -10.13 -29.14 -8.72
C TYR D 332 -10.62 -27.82 -9.27
N SER D 333 -10.12 -27.38 -10.42
CA SER D 333 -10.47 -26.09 -11.00
C SER D 333 -11.71 -26.15 -11.90
N GLU D 334 -12.59 -27.13 -11.68
CA GLU D 334 -13.77 -27.27 -12.53
C GLU D 334 -14.71 -26.08 -12.40
N TYR D 335 -14.92 -25.59 -11.18
CA TYR D 335 -15.89 -24.54 -10.92
C TYR D 335 -15.19 -23.28 -10.42
N GLY D 336 -15.80 -22.14 -10.73
CA GLY D 336 -15.21 -20.87 -10.30
C GLY D 336 -15.21 -20.68 -8.80
N ALA D 337 -16.24 -21.19 -8.13
CA ALA D 337 -16.26 -21.13 -6.67
C ALA D 337 -15.11 -21.92 -6.07
N ALA D 338 -14.78 -23.06 -6.68
CA ALA D 338 -13.61 -23.82 -6.24
C ALA D 338 -12.33 -23.01 -6.43
N VAL D 339 -12.23 -22.28 -7.54
CA VAL D 339 -11.05 -21.44 -7.77
C VAL D 339 -10.95 -20.35 -6.71
N LEU D 340 -12.08 -19.72 -6.37
CA LEU D 340 -12.06 -18.69 -5.34
C LEU D 340 -11.66 -19.27 -3.99
N PHE D 341 -12.19 -20.45 -3.66
CA PHE D 341 -11.84 -21.10 -2.41
C PHE D 341 -10.35 -21.43 -2.37
N LEU D 342 -9.81 -21.93 -3.49
CA LEU D 342 -8.38 -22.25 -3.55
C LEU D 342 -7.53 -21.01 -3.42
N LEU D 343 -7.94 -19.89 -4.03
CA LEU D 343 -7.19 -18.65 -3.92
C LEU D 343 -7.16 -18.16 -2.48
N MET D 344 -8.32 -18.16 -1.82
CA MET D 344 -8.37 -17.74 -0.42
C MET D 344 -7.54 -18.66 0.45
N CYS D 345 -7.61 -19.97 0.20
CA CYS D 345 -6.85 -20.92 0.99
C CYS D 345 -5.35 -20.74 0.81
N THR D 346 -4.91 -20.49 -0.43
CA THR D 346 -3.47 -20.31 -0.64
C THR D 346 -2.98 -18.98 -0.07
N PHE D 347 -3.81 -17.94 -0.11
CA PHE D 347 -3.43 -16.69 0.55
C PHE D 347 -3.30 -16.88 2.05
N ALA D 348 -4.26 -17.58 2.67
CA ALA D 348 -4.18 -17.84 4.11
C ALA D 348 -2.97 -18.69 4.44
N LEU D 349 -2.68 -19.70 3.61
CA LEU D 349 -1.53 -20.56 3.85
C LEU D 349 -0.23 -19.78 3.75
N ILE D 350 -0.12 -18.89 2.76
CA ILE D 350 1.09 -18.09 2.61
C ILE D 350 1.26 -17.17 3.80
N ALA D 351 0.16 -16.55 4.26
CA ALA D 351 0.23 -15.71 5.44
C ALA D 351 0.66 -16.51 6.67
N HIS D 352 0.15 -17.73 6.81
CA HIS D 352 0.52 -18.57 7.94
C HIS D 352 1.99 -18.96 7.89
N TRP D 353 2.49 -19.32 6.71
CA TRP D 353 3.90 -19.68 6.57
C TRP D 353 4.80 -18.49 6.88
N LEU D 354 4.44 -17.31 6.39
CA LEU D 354 5.22 -16.12 6.71
C LEU D 354 5.16 -15.81 8.20
N ALA D 355 4.01 -16.08 8.84
CA ALA D 355 3.92 -15.88 10.28
C ALA D 355 4.85 -16.82 11.04
N CYS D 356 4.91 -18.09 10.60
CA CYS D 356 5.82 -19.03 11.24
C CYS D 356 7.27 -18.61 11.08
N ILE D 357 7.63 -18.16 9.87
CA ILE D 357 8.99 -17.70 9.63
C ILE D 357 9.30 -16.46 10.47
N TRP D 358 8.34 -15.54 10.57
CA TRP D 358 8.52 -14.34 11.36
C TRP D 358 8.73 -14.67 12.83
N TYR D 359 7.94 -15.60 13.36
CA TYR D 359 8.13 -15.99 14.75
C TYR D 359 9.48 -16.66 14.96
N ALA D 360 9.91 -17.51 14.01
CA ALA D 360 11.23 -18.12 14.13
C ALA D 360 12.33 -17.08 14.15
N ILE D 361 12.23 -16.08 13.26
CA ILE D 361 13.23 -15.02 13.20
C ILE D 361 13.25 -14.24 14.51
N GLY D 362 12.08 -13.89 15.02
CA GLY D 362 12.02 -13.15 16.26
C GLY D 362 12.33 -13.96 17.51
N ASN D 363 12.37 -15.28 17.39
CA ASN D 363 12.65 -16.15 18.52
C ASN D 363 14.11 -16.54 18.63
N MET D 364 14.76 -16.94 17.52
CA MET D 364 16.16 -17.34 17.63
C MET D 364 17.08 -16.17 18.00
N GLU D 365 16.69 -14.93 17.72
CA GLU D 365 17.54 -13.79 18.04
C GLU D 365 17.30 -13.25 19.44
N GLN D 366 16.21 -13.63 20.10
CA GLN D 366 15.86 -13.01 21.37
C GLN D 366 16.89 -13.21 22.47
N PRO D 367 17.49 -14.39 22.68
CA PRO D 367 18.47 -14.52 23.77
C PRO D 367 19.64 -13.56 23.65
N HIS D 368 20.10 -13.26 22.44
CA HIS D 368 21.18 -12.29 22.26
C HIS D 368 20.67 -10.87 22.52
N ARG D 372 16.17 -4.52 24.32
CA ARG D 372 14.73 -4.59 24.11
C ARG D 372 14.38 -4.17 22.69
N ILE D 373 14.99 -4.85 21.72
CA ILE D 373 14.82 -4.50 20.31
C ILE D 373 13.88 -5.47 19.60
N GLY D 374 13.94 -6.75 19.94
CA GLY D 374 13.12 -7.73 19.24
C GLY D 374 11.65 -7.48 19.44
N TRP D 375 10.86 -7.94 18.46
CA TRP D 375 9.42 -7.70 18.50
C TRP D 375 8.73 -8.48 19.61
N LEU D 376 9.35 -9.54 20.12
CA LEU D 376 8.77 -10.25 21.27
C LEU D 376 8.79 -9.36 22.51
N HIS D 377 9.87 -8.61 22.71
CA HIS D 377 9.92 -7.69 23.85
C HIS D 377 8.86 -6.61 23.73
N ASN D 378 8.67 -6.06 22.52
CA ASN D 378 7.63 -5.07 22.32
C ASN D 378 6.25 -5.65 22.57
N LEU D 379 6.01 -6.89 22.12
CA LEU D 379 4.74 -7.54 22.39
C LEU D 379 4.52 -7.69 23.89
N GLY D 380 5.55 -8.13 24.61
CA GLY D 380 5.43 -8.29 26.05
C GLY D 380 5.19 -6.99 26.78
N ASP D 381 5.78 -5.90 26.28
CA ASP D 381 5.58 -4.61 26.92
C ASP D 381 4.20 -4.04 26.59
N GLN D 382 3.65 -4.35 25.42
CA GLN D 382 2.36 -3.80 25.04
C GLN D 382 1.24 -4.39 25.89
N ILE D 383 1.09 -5.71 25.86
CA ILE D 383 0.12 -6.38 26.72
C ILE D 383 0.67 -6.43 28.13
N GLY D 384 -0.17 -6.76 29.10
CA GLY D 384 0.25 -6.81 30.48
C GLY D 384 1.03 -8.07 30.83
N LYS D 385 2.10 -8.34 30.10
CA LYS D 385 2.91 -9.54 30.31
C LYS D 385 4.34 -9.26 29.92
N PRO D 386 5.09 -8.56 30.78
CA PRO D 386 6.52 -8.35 30.50
C PRO D 386 7.26 -9.67 30.45
N TYR D 387 8.29 -9.73 29.60
CA TYR D 387 9.04 -10.96 29.42
C TYR D 387 9.84 -11.31 30.66
N GLY D 393 9.14 -15.53 31.77
CA GLY D 393 7.86 -16.02 31.29
C GLY D 393 7.47 -15.45 29.94
N GLY D 394 6.80 -14.31 29.96
CA GLY D 394 6.39 -13.65 28.74
C GLY D 394 5.02 -14.10 28.27
N PRO D 395 4.61 -13.60 27.10
CA PRO D 395 3.30 -13.98 26.55
C PRO D 395 3.23 -15.46 26.22
N SER D 396 2.02 -16.00 26.31
CA SER D 396 1.79 -17.40 25.95
C SER D 396 1.91 -17.58 24.45
N ILE D 397 1.96 -18.86 24.04
CA ILE D 397 2.13 -19.17 22.61
C ILE D 397 0.94 -18.68 21.80
N LYS D 398 -0.26 -18.69 22.39
CA LYS D 398 -1.44 -18.22 21.67
C LYS D 398 -1.30 -16.76 21.26
N ASP D 399 -0.89 -15.91 22.21
CA ASP D 399 -0.73 -14.49 21.90
C ASP D 399 0.35 -14.28 20.86
N LYS D 400 1.47 -15.01 20.97
CA LYS D 400 2.56 -14.86 20.01
C LYS D 400 2.11 -15.25 18.61
N TYR D 401 1.42 -16.37 18.48
CA TYR D 401 0.96 -16.79 17.16
C TYR D 401 -0.06 -15.82 16.59
N VAL D 402 -1.01 -15.35 17.41
CA VAL D 402 -2.02 -14.43 16.92
C VAL D 402 -1.37 -13.12 16.47
N THR D 403 -0.41 -12.62 17.23
CA THR D 403 0.28 -11.40 16.85
C THR D 403 1.08 -11.58 15.57
N ALA D 404 1.76 -12.71 15.42
CA ALA D 404 2.53 -12.95 14.21
C ALA D 404 1.62 -13.02 12.99
N LEU D 405 0.50 -13.73 13.11
CA LEU D 405 -0.45 -13.82 12.00
C LEU D 405 -1.03 -12.45 11.66
N TYR D 406 -1.37 -11.66 12.69
CA TYR D 406 -1.94 -10.34 12.45
C TYR D 406 -0.93 -9.42 11.78
N PHE D 407 0.33 -9.47 12.21
CA PHE D 407 1.35 -8.64 11.57
C PHE D 407 1.58 -9.06 10.12
N THR D 408 1.63 -10.36 9.86
CA THR D 408 1.83 -10.82 8.49
C THR D 408 0.66 -10.42 7.60
N PHE D 409 -0.56 -10.55 8.11
CA PHE D 409 -1.73 -10.14 7.33
C PHE D 409 -1.72 -8.64 7.06
N SER D 410 -1.33 -7.85 8.07
CA SER D 410 -1.23 -6.41 7.86
C SER D 410 -0.17 -6.08 6.81
N SER D 411 0.96 -6.76 6.86
CA SER D 411 2.03 -6.50 5.89
C SER D 411 1.58 -6.85 4.48
N LEU D 412 0.92 -7.98 4.30
CA LEU D 412 0.48 -8.38 2.97
C LEU D 412 -0.75 -7.62 2.49
N THR D 413 -1.50 -7.00 3.40
CA THR D 413 -2.73 -6.30 3.06
C THR D 413 -2.53 -4.79 3.00
N SER D 414 -1.28 -4.32 3.03
CA SER D 414 -0.90 -2.92 2.89
C SER D 414 -1.36 -2.05 4.06
N VAL D 415 -1.77 -2.67 5.17
CA VAL D 415 -2.32 -1.80 6.27
C VAL D 415 -1.16 -1.08 6.96
N GLY D 416 -0.33 -1.83 7.66
CA GLY D 416 0.82 -1.23 8.32
C GLY D 416 0.39 -0.68 9.65
N PHE D 417 -0.28 -1.51 10.44
CA PHE D 417 -0.95 -1.03 11.68
C PHE D 417 -0.05 -0.26 12.63
N GLY D 418 1.24 -0.54 12.74
CA GLY D 418 2.06 0.32 13.61
C GLY D 418 2.26 -0.24 15.01
N ASN D 419 1.37 -1.12 15.47
CA ASN D 419 1.60 -1.79 16.78
C ASN D 419 2.87 -2.61 16.63
N VAL D 420 2.87 -3.59 15.73
CA VAL D 420 4.05 -4.47 15.45
C VAL D 420 4.86 -3.85 14.32
N SER D 421 6.12 -3.48 14.59
CA SER D 421 6.94 -2.81 13.56
C SER D 421 8.38 -3.33 13.64
N PRO D 422 8.98 -3.82 12.54
CA PRO D 422 10.34 -4.38 12.57
C PRO D 422 11.36 -3.40 13.14
N ASN D 423 12.31 -3.95 13.91
CA ASN D 423 13.39 -3.15 14.48
C ASN D 423 14.76 -3.65 14.10
N THR D 424 15.01 -4.96 14.20
CA THR D 424 16.31 -5.53 13.87
C THR D 424 16.49 -5.61 12.36
N ASN D 425 17.75 -5.69 11.93
CA ASN D 425 18.05 -5.72 10.50
C ASN D 425 17.46 -6.95 9.83
N SER D 426 17.52 -8.11 10.49
CA SER D 426 16.93 -9.31 9.92
C SER D 426 15.43 -9.17 9.77
N GLU D 427 14.78 -8.54 10.76
CA GLU D 427 13.35 -8.28 10.64
C GLU D 427 13.05 -7.37 9.46
N LYS D 428 13.87 -6.34 9.25
CA LYS D 428 13.66 -5.45 8.11
C LYS D 428 13.86 -6.17 6.78
N ILE D 429 14.86 -7.05 6.70
CA ILE D 429 15.07 -7.82 5.47
C ILE D 429 13.91 -8.75 5.22
N PHE D 430 13.41 -9.41 6.27
CA PHE D 430 12.24 -10.26 6.14
C PHE D 430 11.03 -9.46 5.68
N SER D 431 10.89 -8.23 6.19
CA SER D 431 9.78 -7.38 5.77
C SER D 431 9.90 -6.97 4.31
N ILE D 432 11.13 -6.72 3.83
CA ILE D 432 11.32 -6.42 2.42
C ILE D 432 10.91 -7.61 1.56
N CYS D 433 11.34 -8.80 1.95
CA CYS D 433 10.96 -10.00 1.21
C CYS D 433 9.44 -10.20 1.25
N VAL D 434 8.83 -9.95 2.39
CA VAL D 434 7.38 -10.07 2.53
C VAL D 434 6.68 -9.05 1.63
N MET D 435 7.25 -7.84 1.52
CA MET D 435 6.67 -6.84 0.64
C MET D 435 6.70 -7.29 -0.81
N LEU D 436 7.83 -7.84 -1.26
CA LEU D 436 7.92 -8.33 -2.63
C LEU D 436 6.92 -9.47 -2.87
N ILE D 437 6.89 -10.42 -1.94
CA ILE D 437 5.97 -11.56 -2.06
C ILE D 437 4.53 -11.06 -2.08
N GLY D 438 4.22 -10.10 -1.23
CA GLY D 438 2.87 -9.56 -1.20
C GLY D 438 2.51 -8.85 -2.48
N SER D 439 3.46 -8.12 -3.07
CA SER D 439 3.21 -7.52 -4.38
C SER D 439 2.77 -8.59 -5.37
N LEU D 440 3.59 -9.64 -5.49
CA LEU D 440 3.27 -10.71 -6.43
C LEU D 440 1.89 -11.30 -6.16
N MET D 441 1.71 -11.89 -4.97
CA MET D 441 0.46 -12.55 -4.64
C MET D 441 -0.72 -11.58 -4.70
N TYR D 442 -0.74 -10.59 -3.81
CA TYR D 442 -1.80 -9.58 -3.80
C TYR D 442 -2.25 -9.20 -5.20
N ALA D 443 -1.32 -8.78 -6.06
CA ALA D 443 -1.71 -8.37 -7.41
C ALA D 443 -2.39 -9.52 -8.16
N SER D 444 -1.74 -10.69 -8.21
CA SER D 444 -2.29 -11.78 -9.02
C SER D 444 -3.63 -12.26 -8.48
N ILE D 445 -3.71 -12.48 -7.17
CA ILE D 445 -4.91 -13.02 -6.53
C ILE D 445 -6.07 -12.05 -6.70
N PHE D 446 -5.84 -10.77 -6.46
CA PHE D 446 -6.97 -9.84 -6.52
C PHE D 446 -7.37 -9.52 -7.95
N GLY D 447 -6.43 -9.51 -8.91
CA GLY D 447 -6.83 -9.45 -10.29
C GLY D 447 -7.67 -10.65 -10.71
N ASN D 448 -7.27 -11.84 -10.26
CA ASN D 448 -8.01 -13.04 -10.59
C ASN D 448 -9.42 -13.02 -10.00
N VAL D 449 -9.56 -12.60 -8.74
CA VAL D 449 -10.89 -12.56 -8.14
C VAL D 449 -11.74 -11.46 -8.79
N SER D 450 -11.12 -10.34 -9.15
CA SER D 450 -11.85 -9.29 -9.85
C SER D 450 -12.37 -9.78 -11.20
N ALA D 451 -11.57 -10.58 -11.91
CA ALA D 451 -12.04 -11.19 -13.14
C ALA D 451 -13.13 -12.21 -12.87
N ILE D 452 -13.00 -12.98 -11.79
CA ILE D 452 -13.91 -14.09 -11.53
C ILE D 452 -15.30 -13.60 -11.14
N ILE D 453 -15.37 -12.54 -10.32
CA ILE D 453 -16.64 -12.18 -9.68
C ILE D 453 -17.70 -11.85 -10.73
N GLN D 454 -17.31 -11.17 -11.81
CA GLN D 454 -18.30 -10.79 -12.82
C GLN D 454 -18.79 -12.01 -13.61
N ARG D 455 -17.94 -13.01 -13.82
CA ARG D 455 -18.33 -14.21 -14.53
C ARG D 455 -19.38 -15.00 -13.76
#